data_9SC9
#
_entry.id   9SC9
#
_cell.length_a   73.992
_cell.length_b   75.534
_cell.length_c   118.502
_cell.angle_alpha   90.000
_cell.angle_beta   95.569
_cell.angle_gamma   90.000
#
_symmetry.space_group_name_H-M   'P 1 21 1'
#
loop_
_entity.id
_entity.type
_entity.pdbx_description
1 polymer 'L-2-hydroxycarboxylate dehydrogenase (NAD(P)(+))'
2 non-polymer 'NADPH DIHYDRO-NICOTINAMIDE-ADENINE-DINUCLEOTIDE PHOSPHATE'
3 non-polymer GLYCEROL
4 non-polymer 'POTASSIUM ION'
#
_entity_poly.entity_id   1
_entity_poly.type   'polypeptide(L)'
_entity_poly.pdbx_seq_one_letter_code
;MKVTIIGASGRVGSATALLLAKESFMKDLVLIGREHSINKLKGLRMDIYDALAGTGSDANIYVESDENLRIIDESDVVII
TSGVARKEGMSRMDLAKTNAKIVGNYAKKIAEICDTKIFVITNPVDVMTYKALVESGFEKNQVFGLGTHLDSLRFKVAIA
KFFGVHIDEVRTRIIGEHGDSMVPLLSATSIGGIPIQRFERFKELPIDEIIEDVKGYGKQIIDLKGGSEFGPAAAILNVV
RCIVNNEKRLLTLSAYVDGEFDGIRGVCIGVPVKIGKDGIEEVVSIELNKDEIIGFRKSAEIIKGYCEEVKNLHHHHHH
;
_entity_poly.pdbx_strand_id   A,B,C,D
#
# COMPACT_ATOMS: atom_id res chain seq x y z
N MET A 1 -0.69 -29.50 -20.55
CA MET A 1 -1.77 -28.96 -19.69
C MET A 1 -2.02 -27.51 -20.06
N LYS A 2 -3.28 -27.08 -20.02
CA LYS A 2 -3.65 -25.69 -20.23
C LYS A 2 -4.30 -25.16 -18.95
N VAL A 3 -3.70 -24.12 -18.39
CA VAL A 3 -4.20 -23.50 -17.17
C VAL A 3 -4.35 -22.02 -17.46
N THR A 4 -5.49 -21.46 -17.05
CA THR A 4 -5.77 -20.04 -17.19
C THR A 4 -5.79 -19.41 -15.80
N ILE A 5 -4.97 -18.38 -15.59
CA ILE A 5 -4.95 -17.68 -14.32
C ILE A 5 -5.68 -16.35 -14.53
N ILE A 6 -6.90 -16.25 -14.02
CA ILE A 6 -7.67 -15.01 -14.06
C ILE A 6 -7.23 -14.16 -12.87
N GLY A 7 -6.57 -13.05 -13.12
CA GLY A 7 -5.99 -12.27 -12.07
C GLY A 7 -4.51 -12.44 -11.96
N ALA A 8 -3.82 -12.78 -13.04
CA ALA A 8 -2.38 -12.94 -13.01
C ALA A 8 -1.67 -11.61 -12.79
N SER A 9 -2.35 -10.48 -13.03
CA SER A 9 -1.73 -9.19 -12.71
C SER A 9 -1.46 -9.05 -11.22
N GLY A 10 -2.18 -9.78 -10.39
CA GLY A 10 -2.04 -9.68 -8.95
C GLY A 10 -0.77 -10.33 -8.44
N ARG A 11 -0.61 -10.26 -7.13
CA ARG A 11 0.58 -10.81 -6.48
C ARG A 11 0.61 -12.33 -6.59
N VAL A 12 -0.41 -12.97 -6.04
CA VAL A 12 -0.49 -14.43 -6.06
C VAL A 12 -0.60 -14.94 -7.49
N GLY A 13 -1.35 -14.23 -8.34
CA GLY A 13 -1.47 -14.66 -9.72
C GLY A 13 -0.14 -14.65 -10.46
N SER A 14 0.65 -13.60 -10.27
CA SER A 14 1.94 -13.51 -10.94
C SER A 14 2.90 -14.58 -10.44
N ALA A 15 3.01 -14.74 -9.12
CA ALA A 15 3.89 -15.77 -8.59
C ALA A 15 3.45 -17.15 -9.09
N THR A 16 2.14 -17.38 -9.15
CA THR A 16 1.63 -18.66 -9.60
C THR A 16 1.92 -18.90 -11.07
N ALA A 17 1.79 -17.88 -11.90
CA ALA A 17 2.14 -18.04 -13.31
C ALA A 17 3.59 -18.46 -13.46
N LEU A 18 4.49 -17.85 -12.67
CA LEU A 18 5.88 -18.27 -12.73
C LEU A 18 6.04 -19.72 -12.30
N LEU A 19 5.53 -20.06 -11.11
CA LEU A 19 5.78 -21.39 -10.58
C LEU A 19 5.18 -22.47 -11.48
N LEU A 20 4.09 -22.16 -12.18
CA LEU A 20 3.42 -23.15 -13.00
C LEU A 20 4.10 -23.29 -14.36
N ALA A 21 4.33 -22.17 -15.07
CA ALA A 21 4.98 -22.28 -16.37
C ALA A 21 6.30 -23.02 -16.28
N LYS A 22 7.00 -22.89 -15.15
CA LYS A 22 8.33 -23.45 -14.97
C LYS A 22 8.33 -24.98 -15.00
N GLU A 23 7.17 -25.61 -14.78
CA GLU A 23 7.07 -27.06 -14.68
C GLU A 23 6.99 -27.71 -16.05
N SER A 24 7.46 -28.96 -16.13
CA SER A 24 7.47 -29.67 -17.40
C SER A 24 6.07 -29.98 -17.92
N PHE A 25 5.11 -30.18 -17.02
CA PHE A 25 3.76 -30.51 -17.46
C PHE A 25 3.02 -29.30 -18.02
N MET A 26 3.50 -28.09 -17.79
CA MET A 26 2.85 -26.88 -18.29
C MET A 26 3.32 -26.59 -19.71
N LYS A 27 2.39 -26.64 -20.67
CA LYS A 27 2.69 -26.40 -22.07
C LYS A 27 2.00 -25.18 -22.66
N ASP A 28 0.89 -24.72 -22.07
CA ASP A 28 0.19 -23.54 -22.57
C ASP A 28 -0.43 -22.83 -21.38
N LEU A 29 0.12 -21.68 -21.02
CA LEU A 29 -0.35 -20.90 -19.87
C LEU A 29 -1.04 -19.65 -20.38
N VAL A 30 -2.30 -19.46 -19.97
CA VAL A 30 -3.10 -18.32 -20.40
C VAL A 30 -3.26 -17.38 -19.21
N LEU A 31 -2.80 -16.13 -19.37
CA LEU A 31 -2.82 -15.13 -18.31
C LEU A 31 -3.92 -14.11 -18.65
N ILE A 32 -4.98 -14.10 -17.85
CA ILE A 32 -6.16 -13.29 -18.11
C ILE A 32 -6.25 -12.18 -17.08
N GLY A 33 -6.72 -11.01 -17.52
CA GLY A 33 -6.91 -9.88 -16.64
C GLY A 33 -7.64 -8.77 -17.35
N ARG A 34 -8.16 -7.82 -16.57
CA ARG A 34 -8.88 -6.71 -17.15
C ARG A 34 -7.98 -5.97 -18.15
N GLU A 35 -8.61 -5.11 -18.97
CA GLU A 35 -7.89 -4.50 -20.07
C GLU A 35 -6.72 -3.66 -19.58
N HIS A 36 -6.91 -2.87 -18.52
CA HIS A 36 -5.84 -1.98 -18.09
C HIS A 36 -4.62 -2.73 -17.58
N SER A 37 -4.78 -4.01 -17.21
CA SER A 37 -3.66 -4.82 -16.76
C SER A 37 -2.94 -5.51 -17.91
N ILE A 38 -3.45 -5.42 -19.14
CA ILE A 38 -2.88 -6.20 -20.23
C ILE A 38 -1.42 -5.84 -20.44
N ASN A 39 -1.05 -4.58 -20.24
CA ASN A 39 0.36 -4.22 -20.35
C ASN A 39 1.19 -4.95 -19.30
N LYS A 40 0.74 -4.92 -18.04
CA LYS A 40 1.52 -5.56 -16.99
C LYS A 40 1.71 -7.04 -17.29
N LEU A 41 0.62 -7.73 -17.68
CA LEU A 41 0.71 -9.14 -18.01
C LEU A 41 1.69 -9.38 -19.15
N LYS A 42 1.69 -8.50 -20.16
CA LYS A 42 2.65 -8.63 -21.25
C LYS A 42 4.08 -8.51 -20.72
N GLY A 43 4.30 -7.63 -19.75
CA GLY A 43 5.59 -7.58 -19.10
C GLY A 43 5.88 -8.84 -18.30
N LEU A 44 4.86 -9.32 -17.56
CA LEU A 44 5.06 -10.51 -16.74
C LEU A 44 5.51 -11.67 -17.61
N ARG A 45 4.81 -11.86 -18.74
CA ARG A 45 5.20 -12.91 -19.69
C ARG A 45 6.69 -12.83 -19.98
N MET A 46 7.19 -11.64 -20.28
CA MET A 46 8.61 -11.49 -20.56
C MET A 46 9.44 -12.05 -19.41
N ASP A 47 9.17 -11.57 -18.19
CA ASP A 47 9.88 -12.08 -17.02
C ASP A 47 9.82 -13.60 -17.01
N ILE A 48 8.62 -14.14 -17.17
CA ILE A 48 8.43 -15.59 -17.09
C ILE A 48 9.37 -16.29 -18.08
N TYR A 49 9.40 -15.80 -19.31
CA TYR A 49 10.21 -16.47 -20.33
C TYR A 49 11.68 -16.43 -19.96
N ASP A 50 12.15 -15.30 -19.42
CA ASP A 50 13.54 -15.25 -18.97
C ASP A 50 13.81 -16.34 -17.95
N ALA A 51 12.89 -16.50 -16.98
CA ALA A 51 13.06 -17.57 -16.01
C ALA A 51 13.05 -18.93 -16.70
N LEU A 52 12.16 -19.11 -17.68
CA LEU A 52 12.11 -20.39 -18.38
C LEU A 52 13.44 -20.69 -19.07
N ALA A 53 14.19 -19.65 -19.45
CA ALA A 53 15.48 -19.90 -20.06
C ALA A 53 16.50 -20.35 -19.02
N GLY A 54 16.45 -19.76 -17.82
CA GLY A 54 17.37 -20.14 -16.76
C GLY A 54 17.05 -21.46 -16.11
N THR A 55 15.80 -21.90 -16.20
CA THR A 55 15.37 -23.18 -15.67
C THR A 55 15.48 -24.31 -16.70
N GLY A 56 15.75 -23.97 -17.95
CA GLY A 56 15.79 -24.98 -18.98
C GLY A 56 14.44 -25.48 -19.42
N SER A 57 13.37 -24.76 -19.10
CA SER A 57 12.02 -25.12 -19.49
C SER A 57 11.53 -24.20 -20.60
N ASP A 58 10.32 -24.48 -21.09
CA ASP A 58 9.71 -23.69 -22.16
C ASP A 58 8.21 -23.90 -22.09
N ALA A 59 7.46 -22.91 -22.58
CA ALA A 59 6.02 -23.00 -22.62
C ALA A 59 5.50 -21.94 -23.58
N ASN A 60 4.19 -21.96 -23.81
CA ASN A 60 3.51 -21.00 -24.67
C ASN A 60 2.60 -20.16 -23.80
N ILE A 61 3.06 -18.99 -23.45
CA ILE A 61 2.31 -18.10 -22.57
C ILE A 61 1.49 -17.14 -23.41
N TYR A 62 0.24 -16.96 -23.01
CA TYR A 62 -0.71 -16.11 -23.72
C TYR A 62 -1.21 -15.02 -22.79
N VAL A 63 -1.61 -13.90 -23.37
CA VAL A 63 -2.11 -12.75 -22.62
C VAL A 63 -3.34 -12.21 -23.34
N GLU A 64 -4.40 -11.94 -22.58
CA GLU A 64 -5.64 -11.49 -23.20
C GLU A 64 -6.49 -10.76 -22.16
N SER A 65 -7.40 -9.93 -22.65
CA SER A 65 -8.29 -9.17 -21.78
C SER A 65 -9.37 -10.07 -21.21
N ASP A 66 -10.03 -9.59 -20.16
CA ASP A 66 -11.11 -10.36 -19.54
C ASP A 66 -12.40 -10.30 -20.36
N GLU A 67 -12.38 -9.65 -21.52
CA GLU A 67 -13.50 -9.68 -22.44
C GLU A 67 -13.32 -10.70 -23.57
N ASN A 68 -12.08 -11.00 -23.94
CA ASN A 68 -11.76 -12.05 -24.91
C ASN A 68 -11.38 -13.30 -24.13
N LEU A 69 -12.37 -14.11 -23.79
CA LEU A 69 -12.19 -15.29 -22.97
C LEU A 69 -12.19 -16.59 -23.78
N ARG A 70 -12.35 -16.50 -25.10
CA ARG A 70 -12.36 -17.71 -25.92
C ARG A 70 -11.01 -18.41 -25.94
N ILE A 71 -9.95 -17.74 -25.49
CA ILE A 71 -8.64 -18.38 -25.37
C ILE A 71 -8.63 -19.38 -24.21
N ILE A 72 -9.54 -19.21 -23.24
CA ILE A 72 -9.61 -20.15 -22.12
C ILE A 72 -10.06 -21.53 -22.57
N ASP A 73 -10.71 -21.63 -23.72
CA ASP A 73 -11.23 -22.91 -24.18
C ASP A 73 -10.16 -23.98 -24.13
N GLU A 74 -10.58 -25.21 -23.87
CA GLU A 74 -9.72 -26.38 -23.78
C GLU A 74 -8.86 -26.38 -22.52
N SER A 75 -8.99 -25.38 -21.65
CA SER A 75 -8.19 -25.33 -20.43
C SER A 75 -8.46 -26.54 -19.56
N ASP A 76 -7.39 -27.16 -19.07
CA ASP A 76 -7.53 -28.16 -18.02
C ASP A 76 -7.99 -27.51 -16.72
N VAL A 77 -7.44 -26.35 -16.36
CA VAL A 77 -7.85 -25.70 -15.12
C VAL A 77 -7.91 -24.19 -15.30
N VAL A 78 -8.82 -23.56 -14.56
CA VAL A 78 -8.94 -22.09 -14.53
C VAL A 78 -8.85 -21.66 -13.07
N ILE A 79 -7.71 -21.11 -12.68
CA ILE A 79 -7.50 -20.58 -11.35
C ILE A 79 -8.01 -19.15 -11.32
N ILE A 80 -8.98 -18.88 -10.45
CA ILE A 80 -9.56 -17.55 -10.32
C ILE A 80 -8.94 -16.89 -9.10
N THR A 81 -8.12 -15.86 -9.36
CA THR A 81 -7.49 -15.06 -8.32
C THR A 81 -8.11 -13.68 -8.18
N SER A 82 -8.88 -13.23 -9.17
CA SER A 82 -9.38 -11.85 -9.19
C SER A 82 -10.32 -11.61 -8.02
N GLY A 83 -10.21 -10.42 -7.44
CA GLY A 83 -11.08 -10.03 -6.34
C GLY A 83 -10.73 -8.71 -5.70
N VAL A 84 -11.70 -8.10 -5.02
CA VAL A 84 -11.40 -6.90 -4.24
C VAL A 84 -10.52 -7.28 -3.06
N ALA A 85 -9.75 -6.32 -2.58
CA ALA A 85 -8.94 -6.49 -1.37
C ALA A 85 -9.70 -5.95 -0.17
N ARG A 86 -9.67 -6.70 0.93
CA ARG A 86 -10.30 -6.22 2.16
C ARG A 86 -9.68 -4.89 2.54
N LYS A 87 -10.55 -3.92 2.86
CA LYS A 87 -10.12 -2.58 3.19
C LYS A 87 -10.75 -2.14 4.51
N GLU A 88 -10.27 -1.03 5.04
CA GLU A 88 -10.79 -0.52 6.30
C GLU A 88 -12.29 -0.31 6.19
N GLY A 89 -13.02 -0.82 7.19
CA GLY A 89 -14.46 -0.70 7.22
C GLY A 89 -15.20 -1.75 6.43
N MET A 90 -14.51 -2.51 5.60
CA MET A 90 -15.13 -3.61 4.86
C MET A 90 -15.26 -4.81 5.79
N SER A 91 -16.48 -5.22 6.07
CA SER A 91 -16.74 -6.36 6.94
C SER A 91 -16.55 -7.68 6.17
N ARG A 92 -16.64 -8.79 6.92
CA ARG A 92 -16.56 -10.09 6.26
C ARG A 92 -17.70 -10.27 5.27
N MET A 93 -18.92 -9.88 5.65
CA MET A 93 -20.03 -9.96 4.72
C MET A 93 -19.84 -9.01 3.55
N ASP A 94 -19.27 -7.82 3.79
CA ASP A 94 -19.07 -6.87 2.71
C ASP A 94 -18.17 -7.48 1.63
N LEU A 95 -17.00 -7.99 2.03
CA LEU A 95 -16.11 -8.60 1.06
C LEU A 95 -16.75 -9.83 0.42
N ALA A 96 -17.48 -10.62 1.21
CA ALA A 96 -18.17 -11.78 0.65
C ALA A 96 -19.07 -11.36 -0.50
N LYS A 97 -19.94 -10.37 -0.26
CA LYS A 97 -20.88 -9.94 -1.29
C LYS A 97 -20.19 -9.28 -2.46
N THR A 98 -19.06 -8.60 -2.23
CA THR A 98 -18.37 -7.92 -3.32
C THR A 98 -17.64 -8.90 -4.22
N ASN A 99 -16.81 -9.76 -3.63
CA ASN A 99 -16.07 -10.73 -4.44
C ASN A 99 -16.97 -11.83 -4.97
N ALA A 100 -18.17 -12.01 -4.39
CA ALA A 100 -19.10 -12.97 -4.96
C ALA A 100 -19.49 -12.57 -6.37
N LYS A 101 -19.77 -11.29 -6.59
CA LYS A 101 -20.14 -10.84 -7.93
C LYS A 101 -19.01 -11.07 -8.93
N ILE A 102 -17.79 -10.73 -8.53
CA ILE A 102 -16.63 -10.90 -9.42
C ILE A 102 -16.47 -12.36 -9.79
N VAL A 103 -16.35 -13.23 -8.78
CA VAL A 103 -16.09 -14.64 -9.04
C VAL A 103 -17.26 -15.28 -9.76
N GLY A 104 -18.50 -14.86 -9.44
CA GLY A 104 -19.65 -15.43 -10.10
C GLY A 104 -19.70 -15.09 -11.58
N ASN A 105 -19.44 -13.83 -11.92
CA ASN A 105 -19.39 -13.47 -13.33
C ASN A 105 -18.30 -14.26 -14.04
N TYR A 106 -17.14 -14.39 -13.41
CA TYR A 106 -16.06 -15.15 -14.05
C TYR A 106 -16.45 -16.60 -14.24
N ALA A 107 -17.08 -17.22 -13.24
CA ALA A 107 -17.49 -18.60 -13.36
C ALA A 107 -18.52 -18.79 -14.47
N LYS A 108 -19.51 -17.89 -14.52
CA LYS A 108 -20.49 -17.94 -15.60
C LYS A 108 -19.79 -17.89 -16.94
N LYS A 109 -18.94 -16.88 -17.15
CA LYS A 109 -18.29 -16.71 -18.44
C LYS A 109 -17.40 -17.90 -18.80
N ILE A 110 -16.75 -18.50 -17.80
CA ILE A 110 -15.96 -19.70 -18.07
C ILE A 110 -16.87 -20.82 -18.56
N ALA A 111 -18.02 -21.00 -17.91
CA ALA A 111 -18.93 -22.07 -18.34
C ALA A 111 -19.49 -21.82 -19.73
N GLU A 112 -19.58 -20.55 -20.16
CA GLU A 112 -20.09 -20.25 -21.49
C GLU A 112 -19.09 -20.54 -22.60
N ILE A 113 -17.84 -20.83 -22.25
CA ILE A 113 -16.78 -21.07 -23.23
C ILE A 113 -16.37 -22.54 -23.27
N CYS A 114 -16.21 -23.16 -22.10
CA CYS A 114 -15.69 -24.51 -22.05
C CYS A 114 -16.17 -25.17 -20.76
N ASP A 115 -16.00 -26.49 -20.70
CA ASP A 115 -16.33 -27.28 -19.52
C ASP A 115 -15.02 -27.70 -18.87
N THR A 116 -14.50 -26.84 -17.99
CA THR A 116 -13.22 -27.05 -17.34
C THR A 116 -13.38 -27.01 -15.83
N LYS A 117 -12.29 -27.32 -15.13
CA LYS A 117 -12.27 -27.20 -13.68
C LYS A 117 -11.98 -25.76 -13.28
N ILE A 118 -12.61 -25.31 -12.20
CA ILE A 118 -12.42 -23.97 -11.68
C ILE A 118 -11.80 -24.08 -10.29
N PHE A 119 -10.64 -23.49 -10.12
CA PHE A 119 -9.88 -23.50 -8.86
C PHE A 119 -10.02 -22.09 -8.28
N VAL A 120 -10.93 -21.93 -7.33
CA VAL A 120 -11.18 -20.62 -6.73
C VAL A 120 -10.14 -20.36 -5.65
N ILE A 121 -9.47 -19.20 -5.76
CA ILE A 121 -8.57 -18.73 -4.72
C ILE A 121 -9.13 -17.52 -3.99
N THR A 122 -10.00 -16.74 -4.62
CA THR A 122 -10.47 -15.48 -4.06
C THR A 122 -11.18 -15.70 -2.72
N ASN A 123 -10.99 -14.76 -1.80
CA ASN A 123 -11.60 -14.88 -0.49
C ASN A 123 -12.91 -14.09 -0.43
N PRO A 124 -13.85 -14.46 0.45
CA PRO A 124 -13.85 -15.61 1.39
C PRO A 124 -13.83 -16.92 0.60
N VAL A 125 -12.80 -17.75 0.76
CA VAL A 125 -12.56 -18.80 -0.22
C VAL A 125 -13.71 -19.80 -0.26
N ASP A 126 -14.20 -20.21 0.92
CA ASP A 126 -15.27 -21.19 0.98
C ASP A 126 -16.54 -20.67 0.29
N VAL A 127 -16.89 -19.42 0.59
CA VAL A 127 -18.10 -18.83 0.01
C VAL A 127 -17.91 -18.56 -1.47
N MET A 128 -16.71 -18.10 -1.87
CA MET A 128 -16.47 -17.83 -3.28
C MET A 128 -16.49 -19.13 -4.09
N THR A 129 -15.96 -20.21 -3.53
CA THR A 129 -16.03 -21.51 -4.18
C THR A 129 -17.48 -21.95 -4.34
N TYR A 130 -18.31 -21.74 -3.31
CA TYR A 130 -19.73 -22.05 -3.43
C TYR A 130 -20.38 -21.24 -4.55
N LYS A 131 -20.10 -19.93 -4.59
CA LYS A 131 -20.66 -19.08 -5.64
C LYS A 131 -20.18 -19.52 -7.02
N ALA A 132 -18.91 -19.91 -7.12
CA ALA A 132 -18.36 -20.38 -8.39
C ALA A 132 -19.09 -21.64 -8.85
N LEU A 133 -19.32 -22.59 -7.94
CA LEU A 133 -20.06 -23.79 -8.31
C LEU A 133 -21.49 -23.43 -8.74
N VAL A 134 -22.12 -22.50 -8.03
CA VAL A 134 -23.50 -22.14 -8.34
C VAL A 134 -23.61 -21.50 -9.72
N GLU A 135 -22.72 -20.55 -10.00
CA GLU A 135 -22.82 -19.78 -11.24
C GLU A 135 -22.20 -20.49 -12.44
N SER A 136 -21.27 -21.43 -12.21
CA SER A 136 -20.69 -22.16 -13.33
C SER A 136 -21.64 -23.23 -13.84
N GLY A 137 -22.40 -23.85 -12.95
CA GLY A 137 -23.24 -24.98 -13.32
C GLY A 137 -22.50 -26.28 -13.44
N PHE A 138 -21.19 -26.29 -13.22
CA PHE A 138 -20.41 -27.50 -13.35
C PHE A 138 -20.77 -28.50 -12.24
N GLU A 139 -20.30 -29.73 -12.40
CA GLU A 139 -20.48 -30.74 -11.38
C GLU A 139 -19.70 -30.39 -10.13
N LYS A 140 -20.09 -30.98 -9.01
CA LYS A 140 -19.40 -30.73 -7.75
C LYS A 140 -17.93 -31.13 -7.82
N ASN A 141 -17.57 -32.02 -8.75
CA ASN A 141 -16.19 -32.46 -8.86
C ASN A 141 -15.30 -31.38 -9.47
N GLN A 142 -15.85 -30.53 -10.34
CA GLN A 142 -15.02 -29.64 -11.12
C GLN A 142 -14.64 -28.37 -10.36
N VAL A 143 -15.50 -27.88 -9.48
CA VAL A 143 -15.26 -26.63 -8.76
C VAL A 143 -14.72 -26.96 -7.39
N PHE A 144 -13.65 -26.26 -7.00
CA PHE A 144 -13.01 -26.44 -5.70
C PHE A 144 -12.18 -25.20 -5.44
N GLY A 145 -11.83 -24.99 -4.17
CA GLY A 145 -11.06 -23.83 -3.78
C GLY A 145 -9.92 -24.22 -2.87
N LEU A 146 -8.97 -23.30 -2.72
CA LEU A 146 -7.79 -23.59 -1.92
C LEU A 146 -8.15 -23.83 -0.46
N GLY A 147 -9.19 -23.18 0.04
CA GLY A 147 -9.66 -23.47 1.37
C GLY A 147 -8.57 -23.38 2.41
N THR A 148 -8.57 -24.36 3.31
CA THR A 148 -7.63 -24.41 4.43
C THR A 148 -6.36 -25.17 4.11
N HIS A 149 -6.08 -25.43 2.82
CA HIS A 149 -4.87 -26.15 2.44
C HIS A 149 -3.62 -25.46 2.96
N LEU A 150 -3.50 -24.16 2.70
CA LEU A 150 -2.34 -23.40 3.17
C LEU A 150 -2.32 -23.28 4.69
N ASP A 151 -3.49 -23.21 5.32
CA ASP A 151 -3.52 -23.24 6.78
C ASP A 151 -2.92 -24.53 7.30
N SER A 152 -3.28 -25.65 6.66
CA SER A 152 -2.74 -26.94 7.08
C SER A 152 -1.24 -26.98 6.86
N LEU A 153 -0.74 -26.40 5.76
CA LEU A 153 0.70 -26.39 5.53
C LEU A 153 1.45 -25.58 6.57
N ARG A 154 0.88 -24.45 6.99
CA ARG A 154 1.50 -23.64 8.04
C ARG A 154 1.48 -24.34 9.39
N PHE A 155 0.37 -25.01 9.72
CA PHE A 155 0.34 -25.85 10.91
C PHE A 155 1.37 -26.97 10.82
N LYS A 156 1.53 -27.54 9.62
CA LYS A 156 2.51 -28.59 9.40
C LYS A 156 3.90 -28.12 9.75
N VAL A 157 4.31 -26.97 9.19
CA VAL A 157 5.67 -26.50 9.43
C VAL A 157 5.87 -26.24 10.92
N ALA A 158 4.83 -25.72 11.60
CA ALA A 158 5.00 -25.47 13.03
C ALA A 158 5.19 -26.77 13.81
N ILE A 159 4.33 -27.76 13.59
CA ILE A 159 4.45 -29.04 14.29
C ILE A 159 5.83 -29.64 14.01
N ALA A 160 6.25 -29.62 12.75
CA ALA A 160 7.53 -30.22 12.38
C ALA A 160 8.69 -29.50 13.07
N LYS A 161 8.72 -28.16 12.96
CA LYS A 161 9.83 -27.42 13.54
C LYS A 161 9.90 -27.60 15.05
N PHE A 162 8.76 -27.82 15.71
CA PHE A 162 8.83 -28.10 17.14
C PHE A 162 9.30 -29.52 17.43
N PHE A 163 8.96 -30.48 16.57
CA PHE A 163 9.38 -31.87 16.79
C PHE A 163 10.75 -32.20 16.20
N GLY A 164 11.44 -31.21 15.62
CA GLY A 164 12.76 -31.44 15.07
C GLY A 164 12.82 -32.35 13.85
N VAL A 165 11.94 -32.13 12.88
CA VAL A 165 11.87 -32.96 11.69
C VAL A 165 11.69 -32.08 10.45
N HIS A 166 11.93 -32.69 9.30
CA HIS A 166 11.71 -32.02 8.02
C HIS A 166 10.23 -31.68 7.85
N ILE A 167 9.96 -30.60 7.11
CA ILE A 167 8.58 -30.18 6.92
C ILE A 167 7.78 -31.28 6.22
N ASP A 168 8.38 -31.91 5.21
CA ASP A 168 7.72 -32.99 4.49
C ASP A 168 7.49 -34.20 5.37
N GLU A 169 8.09 -34.23 6.55
CA GLU A 169 7.91 -35.32 7.50
C GLU A 169 6.55 -35.24 8.20
N VAL A 170 6.04 -34.02 8.43
CA VAL A 170 4.78 -33.82 9.15
C VAL A 170 3.64 -33.75 8.16
N ARG A 171 2.49 -34.30 8.54
CA ARG A 171 1.33 -34.39 7.65
C ARG A 171 0.04 -34.06 8.41
N THR A 172 0.03 -32.94 9.12
CA THR A 172 -1.19 -32.51 9.80
C THR A 172 -2.21 -31.96 8.81
N ARG A 173 -3.40 -31.65 9.34
CA ARG A 173 -4.49 -31.10 8.54
C ARG A 173 -5.29 -30.13 9.41
N ILE A 174 -5.85 -29.11 8.77
CA ILE A 174 -6.80 -28.20 9.40
C ILE A 174 -8.00 -28.11 8.45
N ILE A 175 -9.15 -28.60 8.89
CA ILE A 175 -10.35 -28.55 8.08
C ILE A 175 -11.24 -27.43 8.61
N GLY A 176 -12.29 -27.11 7.86
CA GLY A 176 -13.22 -26.08 8.28
C GLY A 176 -13.09 -24.80 7.49
N GLU A 177 -13.44 -23.68 8.12
CA GLU A 177 -13.36 -22.39 7.46
C GLU A 177 -11.92 -21.92 7.35
N HIS A 178 -11.60 -21.26 6.24
CA HIS A 178 -10.32 -20.59 6.08
C HIS A 178 -10.34 -19.26 6.83
N GLY A 179 -10.49 -19.36 8.14
CA GLY A 179 -10.65 -18.20 8.98
C GLY A 179 -10.88 -18.50 10.44
N ASP A 180 -11.88 -17.87 11.02
CA ASP A 180 -12.08 -17.94 12.47
C ASP A 180 -12.38 -19.36 12.92
N SER A 181 -13.28 -20.04 12.23
CA SER A 181 -13.82 -21.31 12.71
C SER A 181 -13.03 -22.53 12.24
N MET A 182 -11.76 -22.36 11.88
CA MET A 182 -10.95 -23.51 11.48
C MET A 182 -10.72 -24.44 12.66
N VAL A 183 -10.81 -25.74 12.41
CA VAL A 183 -10.56 -26.76 13.42
C VAL A 183 -9.30 -27.52 13.00
N PRO A 184 -8.16 -27.33 13.67
CA PRO A 184 -7.01 -28.21 13.43
C PRO A 184 -7.32 -29.62 13.91
N LEU A 185 -7.03 -30.60 13.05
CA LEU A 185 -7.36 -32.00 13.33
C LEU A 185 -6.14 -32.69 13.91
N LEU A 186 -5.98 -32.58 15.23
CA LEU A 186 -4.91 -33.31 15.89
C LEU A 186 -5.12 -34.81 15.81
N SER A 187 -6.35 -35.25 15.49
CA SER A 187 -6.58 -36.67 15.27
C SER A 187 -5.84 -37.17 14.03
N ALA A 188 -5.68 -36.32 13.03
CA ALA A 188 -5.03 -36.65 11.77
C ALA A 188 -3.68 -35.94 11.64
N THR A 189 -2.95 -35.83 12.74
CA THR A 189 -1.59 -35.30 12.75
C THR A 189 -0.63 -36.46 12.95
N SER A 190 0.22 -36.72 11.95
CA SER A 190 1.20 -37.78 12.03
C SER A 190 2.56 -37.23 11.63
N ILE A 191 3.61 -37.89 12.12
CA ILE A 191 4.99 -37.48 11.90
C ILE A 191 5.76 -38.74 11.51
N GLY A 192 5.93 -38.96 10.22
CA GLY A 192 6.48 -40.22 9.76
C GLY A 192 5.50 -41.36 9.80
N GLY A 193 4.20 -41.06 9.71
CA GLY A 193 3.16 -42.06 9.87
C GLY A 193 2.85 -42.40 11.30
N ILE A 194 3.62 -41.91 12.24
CA ILE A 194 3.38 -42.13 13.67
C ILE A 194 2.45 -41.02 14.16
N PRO A 195 1.25 -41.36 14.62
CA PRO A 195 0.39 -40.31 15.21
C PRO A 195 1.20 -39.51 16.23
N ILE A 196 1.03 -38.19 16.19
CA ILE A 196 1.78 -37.34 17.10
C ILE A 196 1.49 -37.70 18.55
N GLN A 197 0.36 -38.35 18.81
CA GLN A 197 -0.03 -38.75 20.16
C GLN A 197 0.78 -39.93 20.68
N ARG A 198 1.73 -40.45 19.92
CA ARG A 198 2.61 -41.54 20.35
C ARG A 198 4.02 -41.06 20.66
N PHE A 199 4.23 -39.74 20.69
CA PHE A 199 5.52 -39.14 21.01
C PHE A 199 5.47 -38.49 22.38
N GLU A 200 6.66 -38.23 22.94
CA GLU A 200 6.76 -37.63 24.26
C GLU A 200 6.60 -36.11 24.26
N ARG A 201 6.66 -35.47 23.10
CA ARG A 201 6.51 -34.03 23.01
C ARG A 201 5.06 -33.61 22.78
N PHE A 202 4.17 -34.55 22.44
CA PHE A 202 2.76 -34.20 22.33
C PHE A 202 2.23 -33.65 23.65
N LYS A 203 2.76 -34.12 24.77
CA LYS A 203 2.40 -33.53 26.06
C LYS A 203 3.04 -32.16 26.23
N GLU A 204 4.21 -31.93 25.63
CA GLU A 204 4.89 -30.65 25.69
C GLU A 204 4.51 -29.72 24.55
N LEU A 205 3.55 -30.11 23.72
CA LEU A 205 3.23 -29.34 22.51
C LEU A 205 2.51 -28.06 22.88
N PRO A 206 3.02 -26.89 22.50
CA PRO A 206 2.27 -25.63 22.76
C PRO A 206 1.14 -25.45 21.75
N ILE A 207 0.13 -26.32 21.86
CA ILE A 207 -0.92 -26.36 20.84
C ILE A 207 -1.64 -25.02 20.76
N ASP A 208 -1.92 -24.41 21.92
CA ASP A 208 -2.64 -23.14 21.93
C ASP A 208 -1.88 -22.07 21.16
N GLU A 209 -0.59 -21.92 21.45
CA GLU A 209 0.22 -20.90 20.79
C GLU A 209 0.31 -21.16 19.29
N ILE A 210 0.53 -22.42 18.90
CA ILE A 210 0.71 -22.74 17.49
C ILE A 210 -0.58 -22.45 16.72
N ILE A 211 -1.73 -22.86 17.28
CA ILE A 211 -2.98 -22.61 16.57
C ILE A 211 -3.27 -21.12 16.49
N GLU A 212 -2.99 -20.36 17.56
CA GLU A 212 -3.21 -18.93 17.51
C GLU A 212 -2.32 -18.28 16.45
N ASP A 213 -1.04 -18.67 16.39
CA ASP A 213 -0.15 -18.11 15.40
C ASP A 213 -0.63 -18.44 13.98
N VAL A 214 -1.07 -19.67 13.77
CA VAL A 214 -1.60 -20.04 12.45
C VAL A 214 -2.82 -19.19 12.12
N LYS A 215 -3.68 -18.94 13.12
CA LYS A 215 -4.93 -18.24 12.86
C LYS A 215 -4.71 -16.79 12.46
N GLY A 216 -3.67 -16.16 12.99
CA GLY A 216 -3.29 -14.81 12.61
C GLY A 216 -2.13 -14.71 11.66
N TYR A 217 -1.67 -15.83 11.10
CA TYR A 217 -0.53 -15.84 10.20
C TYR A 217 -0.78 -14.95 8.98
N GLY A 218 -1.98 -15.02 8.41
CA GLY A 218 -2.26 -14.29 7.18
C GLY A 218 -2.18 -12.80 7.37
N LYS A 219 -2.88 -12.27 8.37
CA LYS A 219 -2.83 -10.82 8.62
C LYS A 219 -1.41 -10.39 8.98
N GLN A 220 -0.61 -11.29 9.55
CA GLN A 220 0.76 -10.94 9.90
C GLN A 220 1.61 -10.77 8.64
N ILE A 221 1.48 -11.67 7.67
CA ILE A 221 2.19 -11.45 6.42
C ILE A 221 1.64 -10.21 5.72
N ILE A 222 0.33 -9.98 5.83
CA ILE A 222 -0.28 -8.82 5.18
C ILE A 222 0.26 -7.52 5.78
N ASP A 223 0.61 -7.53 7.07
CA ASP A 223 1.13 -6.34 7.73
C ASP A 223 2.64 -6.18 7.58
N LEU A 224 3.38 -7.29 7.47
CA LEU A 224 4.84 -7.20 7.38
C LEU A 224 5.34 -7.01 5.95
N LYS A 225 4.79 -7.80 5.01
CA LYS A 225 5.23 -7.82 3.63
C LYS A 225 4.20 -7.24 2.67
N GLY A 226 2.99 -6.94 3.15
CA GLY A 226 1.94 -6.43 2.31
C GLY A 226 1.07 -7.48 1.66
N GLY A 227 1.40 -8.74 1.82
CA GLY A 227 0.64 -9.83 1.24
C GLY A 227 1.52 -11.03 1.04
N SER A 228 0.88 -12.20 0.96
CA SER A 228 1.56 -13.45 0.67
C SER A 228 1.44 -13.72 -0.82
N GLU A 229 2.55 -14.11 -1.45
CA GLU A 229 2.50 -14.50 -2.84
C GLU A 229 3.11 -15.85 -3.13
N PHE A 230 4.26 -16.17 -2.55
CA PHE A 230 4.97 -17.38 -2.95
C PHE A 230 4.26 -18.63 -2.44
N GLY A 231 3.91 -18.66 -1.16
CA GLY A 231 3.35 -19.85 -0.55
C GLY A 231 1.99 -20.25 -1.10
N PRO A 232 1.10 -19.25 -1.26
CA PRO A 232 -0.16 -19.55 -1.95
C PRO A 232 0.07 -20.13 -3.32
N ALA A 233 1.06 -19.59 -4.05
CA ALA A 233 1.37 -20.11 -5.38
C ALA A 233 1.84 -21.55 -5.31
N ALA A 234 2.68 -21.87 -4.31
CA ALA A 234 3.19 -23.23 -4.17
C ALA A 234 2.07 -24.22 -3.87
N ALA A 235 1.12 -23.83 -3.02
CA ALA A 235 -0.03 -24.69 -2.74
C ALA A 235 -0.88 -24.89 -3.99
N ILE A 236 -1.10 -23.81 -4.74
CA ILE A 236 -1.84 -23.91 -6.00
C ILE A 236 -1.14 -24.89 -6.93
N LEU A 237 0.18 -24.79 -7.04
CA LEU A 237 0.93 -25.69 -7.89
C LEU A 237 0.80 -27.13 -7.40
N ASN A 238 0.76 -27.32 -6.09
CA ASN A 238 0.58 -28.67 -5.55
C ASN A 238 -0.72 -29.29 -6.06
N VAL A 239 -1.81 -28.55 -5.93
CA VAL A 239 -3.11 -29.08 -6.38
C VAL A 239 -3.10 -29.31 -7.89
N VAL A 240 -2.51 -28.38 -8.64
CA VAL A 240 -2.49 -28.51 -10.10
C VAL A 240 -1.65 -29.71 -10.51
N ARG A 241 -0.54 -29.95 -9.83
CA ARG A 241 0.29 -31.11 -10.14
C ARG A 241 -0.45 -32.41 -9.83
N CYS A 242 -1.23 -32.43 -8.75
CA CYS A 242 -2.03 -33.62 -8.49
C CYS A 242 -3.03 -33.86 -9.61
N ILE A 243 -3.65 -32.78 -10.11
CA ILE A 243 -4.65 -32.94 -11.16
C ILE A 243 -4.00 -33.41 -12.46
N VAL A 244 -2.80 -32.92 -12.78
CA VAL A 244 -2.21 -33.23 -14.08
C VAL A 244 -1.73 -34.68 -14.14
N ASN A 245 -1.11 -35.18 -13.07
CA ASN A 245 -0.52 -36.51 -13.06
C ASN A 245 -1.45 -37.56 -12.45
N ASN A 246 -2.71 -37.22 -12.22
CA ASN A 246 -3.68 -38.11 -11.57
C ASN A 246 -3.08 -38.73 -10.31
N GLU A 247 -2.45 -37.90 -9.50
CA GLU A 247 -1.95 -38.31 -8.19
C GLU A 247 -3.14 -38.35 -7.25
N LYS A 248 -3.62 -39.57 -6.94
CA LYS A 248 -4.79 -39.76 -6.11
C LYS A 248 -4.43 -39.48 -4.65
N ARG A 249 -4.38 -38.19 -4.30
CA ARG A 249 -3.81 -37.77 -3.03
C ARG A 249 -4.89 -37.16 -2.13
N LEU A 250 -4.76 -37.38 -0.83
CA LEU A 250 -5.78 -36.94 0.14
C LEU A 250 -5.38 -35.59 0.71
N LEU A 251 -5.80 -34.54 0.02
CA LEU A 251 -5.49 -33.17 0.42
C LEU A 251 -6.70 -32.54 1.10
N THR A 252 -6.47 -31.43 1.79
CA THR A 252 -7.55 -30.70 2.46
C THR A 252 -7.85 -29.45 1.64
N LEU A 253 -9.05 -29.39 1.07
CA LEU A 253 -9.42 -28.31 0.16
C LEU A 253 -10.87 -27.94 0.35
N SER A 254 -11.25 -26.76 -0.13
CA SER A 254 -12.62 -26.30 -0.03
C SER A 254 -13.48 -26.96 -1.11
N ALA A 255 -14.50 -27.70 -0.70
CA ALA A 255 -15.35 -28.41 -1.64
C ALA A 255 -16.77 -28.47 -1.11
N TYR A 256 -17.71 -28.72 -2.03
CA TYR A 256 -19.11 -28.88 -1.66
C TYR A 256 -19.32 -30.21 -0.96
N VAL A 257 -19.97 -30.17 0.20
CA VAL A 257 -20.17 -31.35 1.02
C VAL A 257 -21.66 -31.64 1.09
N ASP A 258 -22.02 -32.90 0.89
CA ASP A 258 -23.41 -33.36 0.87
C ASP A 258 -23.61 -34.51 1.83
N GLY A 259 -23.12 -34.34 3.05
CA GLY A 259 -23.40 -35.28 4.12
C GLY A 259 -22.34 -36.33 4.35
N GLU A 260 -21.14 -36.17 3.79
CA GLU A 260 -20.08 -37.13 4.07
C GLU A 260 -19.65 -37.06 5.53
N PHE A 261 -20.00 -35.99 6.24
CA PHE A 261 -19.84 -35.88 7.68
C PHE A 261 -21.20 -35.56 8.30
N ASP A 262 -21.34 -35.88 9.58
CA ASP A 262 -22.65 -35.87 10.22
C ASP A 262 -23.25 -34.48 10.24
N GLY A 263 -24.30 -34.28 9.43
CA GLY A 263 -25.01 -33.02 9.38
C GLY A 263 -24.38 -31.96 8.51
N ILE A 264 -23.13 -32.16 8.09
CA ILE A 264 -22.42 -31.19 7.26
C ILE A 264 -22.92 -31.34 5.84
N ARG A 265 -23.75 -30.40 5.39
CA ARG A 265 -24.40 -30.54 4.09
C ARG A 265 -24.72 -29.17 3.50
N GLY A 266 -24.72 -29.11 2.17
CA GLY A 266 -25.15 -27.94 1.43
C GLY A 266 -24.26 -26.73 1.52
N VAL A 267 -22.94 -26.92 1.54
CA VAL A 267 -22.00 -25.80 1.65
C VAL A 267 -20.66 -26.25 1.08
N CYS A 268 -19.90 -25.28 0.58
CA CYS A 268 -18.50 -25.50 0.22
C CYS A 268 -17.64 -25.10 1.41
N ILE A 269 -16.93 -26.08 1.99
CA ILE A 269 -16.08 -25.84 3.15
C ILE A 269 -14.81 -26.66 3.02
N GLY A 270 -13.80 -26.28 3.79
CA GLY A 270 -12.56 -27.04 3.84
C GLY A 270 -12.81 -28.44 4.36
N VAL A 271 -12.51 -29.44 3.54
CA VAL A 271 -12.75 -30.84 3.89
C VAL A 271 -11.58 -31.68 3.39
N PRO A 272 -11.38 -32.86 3.98
CA PRO A 272 -10.45 -33.83 3.39
C PRO A 272 -11.04 -34.42 2.12
N VAL A 273 -10.21 -34.50 1.08
CA VAL A 273 -10.68 -34.79 -0.27
C VAL A 273 -9.63 -35.62 -0.97
N LYS A 274 -10.08 -36.42 -1.95
CA LYS A 274 -9.22 -37.27 -2.75
C LYS A 274 -9.12 -36.62 -4.14
N ILE A 275 -7.99 -36.00 -4.41
CA ILE A 275 -7.80 -35.27 -5.66
C ILE A 275 -7.12 -36.18 -6.68
N GLY A 276 -7.55 -36.05 -7.93
CA GLY A 276 -7.00 -36.79 -9.04
C GLY A 276 -7.28 -36.08 -10.35
N LYS A 277 -7.22 -36.84 -11.43
CA LYS A 277 -7.38 -36.24 -12.76
C LYS A 277 -8.73 -35.57 -12.92
N ASP A 278 -9.75 -36.06 -12.22
CA ASP A 278 -11.12 -35.55 -12.35
C ASP A 278 -11.44 -34.55 -11.25
N GLY A 279 -10.46 -33.73 -10.89
CA GLY A 279 -10.67 -32.75 -9.85
C GLY A 279 -10.90 -33.43 -8.51
N ILE A 280 -11.85 -32.92 -7.75
CA ILE A 280 -12.18 -33.50 -6.45
C ILE A 280 -13.08 -34.70 -6.71
N GLU A 281 -12.49 -35.89 -6.58
CA GLU A 281 -13.19 -37.13 -6.92
C GLU A 281 -13.97 -37.72 -5.76
N GLU A 282 -13.76 -37.25 -4.54
CA GLU A 282 -14.39 -37.86 -3.39
C GLU A 282 -14.15 -36.98 -2.17
N VAL A 283 -15.15 -36.95 -1.29
CA VAL A 283 -15.06 -36.27 0.00
C VAL A 283 -14.87 -37.36 1.04
N VAL A 284 -13.65 -37.46 1.59
CA VAL A 284 -13.30 -38.58 2.45
C VAL A 284 -14.00 -38.43 3.80
N SER A 285 -14.59 -39.53 4.27
CA SER A 285 -15.21 -39.58 5.59
C SER A 285 -14.18 -40.15 6.57
N ILE A 286 -13.78 -39.33 7.54
CA ILE A 286 -12.80 -39.73 8.54
C ILE A 286 -13.44 -39.63 9.92
N GLU A 287 -12.83 -40.29 10.89
CA GLU A 287 -13.29 -40.21 12.27
C GLU A 287 -12.61 -39.05 12.97
N LEU A 288 -13.40 -38.09 13.43
CA LEU A 288 -12.90 -36.95 14.18
C LEU A 288 -13.33 -37.07 15.64
N ASN A 289 -12.54 -36.48 16.53
CA ASN A 289 -12.91 -36.46 17.94
C ASN A 289 -14.20 -35.66 18.12
N LYS A 290 -14.74 -35.71 19.34
CA LYS A 290 -15.96 -34.99 19.64
C LYS A 290 -15.76 -33.48 19.44
N ASP A 291 -14.69 -32.95 20.03
CA ASP A 291 -14.40 -31.53 19.88
C ASP A 291 -14.21 -31.15 18.41
N GLU A 292 -13.49 -31.99 17.65
CA GLU A 292 -13.23 -31.67 16.25
C GLU A 292 -14.52 -31.62 15.45
N ILE A 293 -15.42 -32.60 15.64
CA ILE A 293 -16.64 -32.64 14.85
C ILE A 293 -17.58 -31.50 15.25
N ILE A 294 -17.67 -31.20 16.54
CA ILE A 294 -18.54 -30.08 16.95
C ILE A 294 -18.02 -28.77 16.38
N GLY A 295 -16.70 -28.58 16.41
CA GLY A 295 -16.12 -27.37 15.82
C GLY A 295 -16.35 -27.30 14.33
N PHE A 296 -16.23 -28.43 13.64
CA PHE A 296 -16.50 -28.46 12.21
C PHE A 296 -17.95 -28.09 11.93
N ARG A 297 -18.89 -28.53 12.78
CA ARG A 297 -20.29 -28.18 12.60
C ARG A 297 -20.52 -26.69 12.81
N LYS A 298 -19.91 -26.11 13.83
CA LYS A 298 -20.02 -24.66 14.04
C LYS A 298 -19.46 -23.91 12.83
N SER A 299 -18.30 -24.34 12.33
CA SER A 299 -17.70 -23.72 11.16
C SER A 299 -18.63 -23.80 9.96
N ALA A 300 -19.21 -24.99 9.73
CA ALA A 300 -20.10 -25.17 8.60
C ALA A 300 -21.33 -24.28 8.72
N GLU A 301 -21.83 -24.08 9.94
CA GLU A 301 -22.97 -23.17 10.10
C GLU A 301 -22.58 -21.74 9.74
N ILE A 302 -21.38 -21.30 10.15
CA ILE A 302 -20.94 -19.95 9.75
C ILE A 302 -20.84 -19.85 8.23
N ILE A 303 -20.24 -20.86 7.60
CA ILE A 303 -20.06 -20.81 6.16
C ILE A 303 -21.41 -20.80 5.47
N LYS A 304 -22.38 -21.56 5.99
CA LYS A 304 -23.72 -21.54 5.40
C LYS A 304 -24.35 -20.17 5.55
N GLY A 305 -24.15 -19.53 6.70
CA GLY A 305 -24.66 -18.18 6.87
C GLY A 305 -24.16 -17.24 5.80
N TYR A 306 -22.86 -17.30 5.50
CA TYR A 306 -22.33 -16.42 4.46
C TYR A 306 -22.78 -16.86 3.07
N CYS A 307 -22.80 -18.17 2.80
CA CYS A 307 -23.22 -18.66 1.50
C CYS A 307 -24.65 -18.24 1.18
N GLU A 308 -25.51 -18.18 2.20
CA GLU A 308 -26.93 -17.95 1.96
C GLU A 308 -27.18 -16.60 1.29
N GLU A 309 -26.45 -15.57 1.70
CA GLU A 309 -26.75 -14.20 1.26
C GLU A 309 -26.06 -13.81 -0.04
N VAL A 310 -25.17 -14.64 -0.57
CA VAL A 310 -24.50 -14.35 -1.83
C VAL A 310 -24.85 -15.35 -2.92
N LYS A 311 -25.71 -16.32 -2.61
CA LYS A 311 -26.03 -17.37 -3.57
C LYS A 311 -26.74 -16.85 -4.80
N ASN A 312 -27.41 -15.70 -4.71
CA ASN A 312 -28.20 -15.15 -5.80
C ASN A 312 -27.90 -13.66 -5.99
N LEU A 313 -26.61 -13.33 -6.00
CA LEU A 313 -26.15 -11.94 -6.13
C LEU A 313 -25.42 -11.80 -7.47
N HIS A 314 -26.17 -11.45 -8.51
CA HIS A 314 -25.61 -11.25 -9.84
C HIS A 314 -25.34 -9.77 -10.12
N MET B 1 -26.27 24.88 1.66
CA MET B 1 -25.75 24.26 0.41
C MET B 1 -25.79 22.73 0.52
N LYS B 2 -26.01 22.05 -0.60
CA LYS B 2 -25.95 20.59 -0.64
C LYS B 2 -24.86 20.15 -1.62
N VAL B 3 -24.00 19.28 -1.14
CA VAL B 3 -22.88 18.75 -1.91
C VAL B 3 -22.86 17.24 -1.72
N THR B 4 -22.67 16.52 -2.81
CA THR B 4 -22.57 15.06 -2.80
C THR B 4 -21.16 14.68 -3.18
N ILE B 5 -20.48 13.92 -2.33
CA ILE B 5 -19.14 13.43 -2.64
C ILE B 5 -19.26 11.96 -3.03
N ILE B 6 -19.12 11.66 -4.31
CA ILE B 6 -19.09 10.28 -4.80
C ILE B 6 -17.65 9.79 -4.67
N GLY B 7 -17.42 8.91 -3.70
CA GLY B 7 -16.08 8.42 -3.43
C GLY B 7 -15.55 8.94 -2.10
N ALA B 8 -16.46 9.24 -1.17
CA ALA B 8 -16.05 9.74 0.14
C ALA B 8 -15.27 8.69 0.92
N SER B 9 -15.44 7.40 0.60
CA SER B 9 -14.66 6.37 1.26
C SER B 9 -13.17 6.54 0.98
N GLY B 10 -12.81 7.24 -0.08
CA GLY B 10 -11.42 7.42 -0.43
C GLY B 10 -10.71 8.39 0.49
N ARG B 11 -9.44 8.61 0.17
CA ARG B 11 -8.60 9.50 0.97
C ARG B 11 -9.04 10.96 0.80
N VAL B 12 -8.94 11.45 -0.44
CA VAL B 12 -9.33 12.83 -0.73
C VAL B 12 -10.80 13.05 -0.45
N GLY B 13 -11.65 12.07 -0.82
CA GLY B 13 -13.06 12.22 -0.56
C GLY B 13 -13.38 12.39 0.92
N SER B 14 -12.76 11.58 1.77
CA SER B 14 -13.01 11.65 3.21
C SER B 14 -12.51 12.96 3.80
N ALA B 15 -11.29 13.35 3.45
CA ALA B 15 -10.78 14.63 3.93
C ALA B 15 -11.67 15.78 3.48
N THR B 16 -12.12 15.74 2.23
CA THR B 16 -13.00 16.78 1.71
C THR B 16 -14.32 16.80 2.44
N ALA B 17 -14.88 15.63 2.75
CA ALA B 17 -16.13 15.59 3.49
C ALA B 17 -15.96 16.29 4.84
N LEU B 18 -14.86 16.01 5.54
CA LEU B 18 -14.66 16.70 6.81
C LEU B 18 -14.56 18.21 6.61
N LEU B 19 -13.65 18.65 5.73
CA LEU B 19 -13.43 20.08 5.61
C LEU B 19 -14.65 20.82 5.08
N LEU B 20 -15.54 20.13 4.37
CA LEU B 20 -16.75 20.77 3.87
C LEU B 20 -17.83 20.85 4.95
N ALA B 21 -18.09 19.73 5.64
CA ALA B 21 -19.14 19.74 6.66
C ALA B 21 -18.86 20.79 7.73
N LYS B 22 -17.58 20.96 8.07
CA LYS B 22 -17.18 21.93 9.09
C LYS B 22 -17.58 23.35 8.74
N GLU B 23 -17.74 23.65 7.44
CA GLU B 23 -18.11 24.99 7.03
C GLU B 23 -19.56 25.31 7.39
N SER B 24 -19.82 26.59 7.63
CA SER B 24 -21.18 27.01 7.96
C SER B 24 -22.13 26.84 6.78
N PHE B 25 -21.66 27.17 5.57
CA PHE B 25 -22.56 27.13 4.42
C PHE B 25 -23.03 25.71 4.11
N MET B 26 -22.28 24.69 4.53
CA MET B 26 -22.68 23.30 4.27
C MET B 26 -23.80 22.92 5.22
N LYS B 27 -24.95 22.54 4.65
CA LYS B 27 -26.12 22.17 5.42
C LYS B 27 -26.59 20.75 5.18
N ASP B 28 -26.33 20.18 4.01
CA ASP B 28 -26.67 18.78 3.72
C ASP B 28 -25.51 18.19 2.93
N LEU B 29 -24.77 17.26 3.55
CA LEU B 29 -23.67 16.56 2.92
C LEU B 29 -24.09 15.13 2.64
N VAL B 30 -23.88 14.67 1.40
CA VAL B 30 -24.25 13.32 0.99
C VAL B 30 -22.95 12.57 0.66
N LEU B 31 -22.70 11.50 1.39
CA LEU B 31 -21.50 10.68 1.18
C LEU B 31 -21.92 9.40 0.46
N ILE B 32 -21.62 9.32 -0.82
CA ILE B 32 -22.04 8.22 -1.68
C ILE B 32 -20.85 7.31 -1.93
N GLY B 33 -21.13 6.03 -2.09
CA GLY B 33 -20.07 5.07 -2.40
C GLY B 33 -20.67 3.72 -2.72
N ARG B 34 -19.81 2.83 -3.19
CA ARG B 34 -20.22 1.46 -3.48
C ARG B 34 -20.59 0.75 -2.17
N GLU B 35 -21.39 -0.30 -2.30
CA GLU B 35 -22.05 -0.87 -1.12
C GLU B 35 -21.04 -1.35 -0.08
N HIS B 36 -19.95 -1.97 -0.52
CA HIS B 36 -18.98 -2.48 0.45
C HIS B 36 -18.35 -1.37 1.27
N SER B 37 -18.40 -0.13 0.78
CA SER B 37 -17.86 1.00 1.53
C SER B 37 -18.90 1.66 2.43
N ILE B 38 -20.15 1.20 2.41
CA ILE B 38 -21.19 1.89 3.17
C ILE B 38 -20.87 1.86 4.66
N ASN B 39 -20.31 0.75 5.14
CA ASN B 39 -19.91 0.69 6.54
C ASN B 39 -18.81 1.70 6.84
N LYS B 40 -17.87 1.89 5.91
CA LYS B 40 -16.81 2.86 6.15
C LYS B 40 -17.37 4.28 6.17
N LEU B 41 -18.18 4.62 5.16
CA LEU B 41 -18.76 5.96 5.08
C LEU B 41 -19.55 6.31 6.32
N LYS B 42 -20.35 5.37 6.83
CA LYS B 42 -21.06 5.60 8.08
C LYS B 42 -20.06 5.83 9.21
N GLY B 43 -19.02 5.01 9.29
CA GLY B 43 -17.98 5.25 10.30
C GLY B 43 -17.30 6.59 10.11
N LEU B 44 -17.26 7.09 8.88
CA LEU B 44 -16.75 8.44 8.66
C LEU B 44 -17.76 9.46 9.20
N ARG B 45 -19.05 9.24 8.91
CA ARG B 45 -20.06 10.17 9.38
C ARG B 45 -19.90 10.43 10.86
N MET B 46 -19.86 9.35 11.65
CA MET B 46 -19.65 9.48 13.09
C MET B 46 -18.46 10.38 13.37
N ASP B 47 -17.30 10.03 12.83
CA ASP B 47 -16.09 10.80 13.09
C ASP B 47 -16.35 12.27 12.80
N ILE B 48 -16.93 12.54 11.62
CA ILE B 48 -17.16 13.92 11.19
C ILE B 48 -17.96 14.65 12.26
N TYR B 49 -19.05 14.02 12.72
CA TYR B 49 -19.92 14.71 13.67
C TYR B 49 -19.18 15.05 14.94
N ASP B 50 -18.30 14.14 15.42
CA ASP B 50 -17.50 14.46 16.59
C ASP B 50 -16.76 15.77 16.36
N ALA B 51 -16.11 15.89 15.20
CA ALA B 51 -15.39 17.12 14.88
C ALA B 51 -16.34 18.31 14.80
N LEU B 52 -17.54 18.09 14.26
CA LEU B 52 -18.51 19.18 14.21
C LEU B 52 -18.87 19.68 15.60
N ALA B 53 -18.80 18.80 16.61
CA ALA B 53 -19.04 19.24 17.97
C ALA B 53 -17.85 20.02 18.52
N GLY B 54 -16.63 19.70 18.06
CA GLY B 54 -15.47 20.41 18.55
C GLY B 54 -15.29 21.77 17.90
N THR B 55 -15.74 21.93 16.66
CA THR B 55 -15.72 23.22 16.00
C THR B 55 -16.94 24.06 16.29
N GLY B 56 -17.99 23.47 16.86
CA GLY B 56 -19.22 24.19 17.10
C GLY B 56 -20.13 24.31 15.90
N SER B 57 -19.94 23.48 14.88
CA SER B 57 -20.76 23.49 13.68
C SER B 57 -21.71 22.30 13.68
N ASP B 58 -22.61 22.29 12.70
CA ASP B 58 -23.59 21.21 12.57
C ASP B 58 -24.04 21.11 11.13
N ALA B 59 -24.29 19.89 10.67
CA ALA B 59 -24.80 19.65 9.34
C ALA B 59 -25.49 18.30 9.32
N ASN B 60 -26.27 18.07 8.27
CA ASN B 60 -27.02 16.84 8.11
C ASN B 60 -26.30 15.96 7.10
N ILE B 61 -25.54 15.00 7.62
CA ILE B 61 -24.71 14.11 6.80
C ILE B 61 -25.49 12.84 6.53
N TYR B 62 -25.51 12.43 5.27
CA TYR B 62 -26.21 11.24 4.82
C TYR B 62 -25.22 10.27 4.21
N VAL B 63 -25.60 8.99 4.17
CA VAL B 63 -24.77 7.94 3.60
C VAL B 63 -25.65 7.04 2.75
N GLU B 64 -25.23 6.78 1.52
CA GLU B 64 -26.05 5.98 0.63
C GLU B 64 -25.17 5.28 -0.41
N SER B 65 -25.72 4.23 -0.99
CA SER B 65 -25.03 3.45 -2.00
C SER B 65 -24.99 4.20 -3.32
N ASP B 66 -24.11 3.74 -4.21
CA ASP B 66 -24.05 4.31 -5.56
C ASP B 66 -25.12 3.73 -6.47
N GLU B 67 -26.03 2.92 -5.93
CA GLU B 67 -27.20 2.47 -6.66
C GLU B 67 -28.46 3.24 -6.28
N ASN B 68 -28.49 3.84 -5.09
CA ASN B 68 -29.56 4.75 -4.68
C ASN B 68 -29.00 6.16 -4.81
N LEU B 69 -29.18 6.75 -5.99
CA LEU B 69 -28.64 8.07 -6.30
C LEU B 69 -29.69 9.17 -6.27
N ARG B 70 -30.93 8.85 -5.85
CA ARG B 70 -31.94 9.89 -5.70
C ARG B 70 -31.64 10.81 -4.53
N ILE B 71 -30.80 10.37 -3.58
CA ILE B 71 -30.41 11.24 -2.49
C ILE B 71 -29.67 12.45 -3.00
N ILE B 72 -29.05 12.34 -4.19
CA ILE B 72 -28.28 13.43 -4.77
C ILE B 72 -29.14 14.54 -5.35
N ASP B 73 -30.45 14.34 -5.39
CA ASP B 73 -31.33 15.32 -6.01
C ASP B 73 -31.18 16.68 -5.33
N GLU B 74 -31.29 17.73 -6.13
CA GLU B 74 -31.24 19.12 -5.66
C GLU B 74 -29.87 19.51 -5.13
N SER B 75 -28.85 18.68 -5.32
CA SER B 75 -27.51 19.01 -4.88
C SER B 75 -27.00 20.25 -5.60
N ASP B 76 -26.36 21.15 -4.85
CA ASP B 76 -25.69 22.27 -5.48
C ASP B 76 -24.45 21.81 -6.25
N VAL B 77 -23.70 20.86 -5.69
CA VAL B 77 -22.53 20.36 -6.41
C VAL B 77 -22.33 18.88 -6.11
N VAL B 78 -21.80 18.15 -7.10
CA VAL B 78 -21.45 16.73 -6.97
C VAL B 78 -19.97 16.60 -7.28
N ILE B 79 -19.18 16.31 -6.24
CA ILE B 79 -17.74 16.14 -6.38
C ILE B 79 -17.46 14.65 -6.59
N ILE B 80 -16.81 14.33 -7.70
CA ILE B 80 -16.53 12.94 -8.08
C ILE B 80 -15.05 12.69 -7.84
N THR B 81 -14.73 11.93 -6.79
CA THR B 81 -13.37 11.46 -6.57
C THR B 81 -13.19 9.99 -6.92
N SER B 82 -14.28 9.29 -7.27
CA SER B 82 -14.18 7.86 -7.54
C SER B 82 -13.32 7.58 -8.77
N GLY B 83 -12.47 6.58 -8.66
CA GLY B 83 -11.63 6.18 -9.78
C GLY B 83 -10.60 5.13 -9.41
N VAL B 84 -10.17 4.36 -10.42
CA VAL B 84 -9.10 3.40 -10.20
C VAL B 84 -7.81 4.14 -9.86
N ALA B 85 -6.99 3.53 -9.01
CA ALA B 85 -5.67 4.06 -8.69
C ALA B 85 -4.65 3.52 -9.68
N ARG B 86 -3.79 4.40 -10.16
CA ARG B 86 -2.76 3.99 -11.10
C ARG B 86 -1.86 2.94 -10.47
N LYS B 87 -1.58 1.88 -11.21
CA LYS B 87 -0.75 0.78 -10.73
C LYS B 87 0.42 0.57 -11.68
N GLU B 88 1.38 -0.24 -11.24
CA GLU B 88 2.55 -0.51 -12.06
C GLU B 88 2.13 -1.15 -13.37
N GLY B 89 2.77 -0.73 -14.46
CA GLY B 89 2.41 -1.19 -15.77
C GLY B 89 1.22 -0.49 -16.38
N MET B 90 0.42 0.19 -15.56
CA MET B 90 -0.73 0.93 -16.07
C MET B 90 -0.24 2.21 -16.72
N SER B 91 -0.42 2.32 -18.03
CA SER B 91 -0.02 3.52 -18.74
C SER B 91 -0.99 4.66 -18.45
N ARG B 92 -0.65 5.84 -18.97
CA ARG B 92 -1.57 6.97 -18.87
C ARG B 92 -2.85 6.70 -19.64
N MET B 93 -2.74 6.10 -20.82
CA MET B 93 -3.93 5.76 -21.59
C MET B 93 -4.76 4.68 -20.90
N ASP B 94 -4.09 3.71 -20.26
CA ASP B 94 -4.82 2.66 -19.57
C ASP B 94 -5.70 3.26 -18.47
N LEU B 95 -5.11 4.10 -17.62
CA LEU B 95 -5.87 4.75 -16.57
C LEU B 95 -6.97 5.61 -17.18
N ALA B 96 -6.65 6.36 -18.24
CA ALA B 96 -7.65 7.21 -18.87
C ALA B 96 -8.86 6.39 -19.28
N LYS B 97 -8.62 5.28 -19.98
CA LYS B 97 -9.73 4.47 -20.49
C LYS B 97 -10.50 3.82 -19.36
N THR B 98 -9.81 3.33 -18.33
CA THR B 98 -10.52 2.67 -17.24
C THR B 98 -11.37 3.67 -16.45
N ASN B 99 -10.79 4.80 -16.07
CA ASN B 99 -11.51 5.76 -15.24
C ASN B 99 -12.51 6.59 -16.03
N ALA B 100 -12.37 6.68 -17.35
CA ALA B 100 -13.38 7.35 -18.14
C ALA B 100 -14.70 6.60 -18.03
N LYS B 101 -14.67 5.28 -18.04
CA LYS B 101 -15.89 4.51 -17.89
C LYS B 101 -16.55 4.80 -16.54
N ILE B 102 -15.74 4.83 -15.47
CA ILE B 102 -16.29 5.07 -14.13
C ILE B 102 -16.92 6.45 -14.06
N VAL B 103 -16.17 7.47 -14.45
CA VAL B 103 -16.64 8.84 -14.32
C VAL B 103 -17.81 9.10 -15.27
N GLY B 104 -17.77 8.51 -16.46
CA GLY B 104 -18.88 8.68 -17.38
C GLY B 104 -20.16 8.04 -16.90
N ASN B 105 -20.05 6.84 -16.31
CA ASN B 105 -21.24 6.22 -15.71
C ASN B 105 -21.79 7.09 -14.60
N TYR B 106 -20.91 7.58 -13.71
CA TYR B 106 -21.40 8.40 -12.61
C TYR B 106 -22.04 9.69 -13.11
N ALA B 107 -21.44 10.33 -14.12
CA ALA B 107 -22.01 11.55 -14.66
C ALA B 107 -23.35 11.29 -15.35
N LYS B 108 -23.44 10.21 -16.11
CA LYS B 108 -24.71 9.83 -16.71
C LYS B 108 -25.78 9.69 -15.63
N LYS B 109 -25.49 8.90 -14.59
CA LYS B 109 -26.47 8.69 -13.53
C LYS B 109 -26.84 10.01 -12.84
N ILE B 110 -25.85 10.90 -12.68
CA ILE B 110 -26.13 12.20 -12.08
C ILE B 110 -27.13 12.98 -12.93
N ALA B 111 -26.93 12.98 -14.24
CA ALA B 111 -27.82 13.75 -15.11
C ALA B 111 -29.25 13.22 -15.08
N GLU B 112 -29.42 11.93 -14.81
CA GLU B 112 -30.75 11.33 -14.80
C GLU B 112 -31.53 11.65 -13.52
N ILE B 113 -30.87 12.18 -12.50
CA ILE B 113 -31.50 12.43 -11.21
C ILE B 113 -31.82 13.91 -11.02
N CYS B 114 -30.86 14.78 -11.32
CA CYS B 114 -31.04 16.21 -11.15
C CYS B 114 -30.08 16.94 -12.08
N ASP B 115 -30.24 18.26 -12.15
CA ASP B 115 -29.41 19.13 -12.98
C ASP B 115 -28.50 19.92 -12.04
N THR B 116 -27.26 19.45 -11.88
CA THR B 116 -26.33 20.02 -10.92
C THR B 116 -24.96 20.18 -11.57
N LYS B 117 -24.06 20.85 -10.84
CA LYS B 117 -22.67 20.97 -11.26
C LYS B 117 -21.91 19.72 -10.85
N ILE B 118 -20.96 19.32 -11.70
CA ILE B 118 -20.14 18.14 -11.48
C ILE B 118 -18.70 18.61 -11.38
N PHE B 119 -18.12 18.46 -10.20
CA PHE B 119 -16.73 18.83 -9.92
C PHE B 119 -15.92 17.53 -9.98
N VAL B 120 -15.24 17.30 -11.09
CA VAL B 120 -14.46 16.08 -11.28
C VAL B 120 -13.08 16.28 -10.68
N ILE B 121 -12.72 15.39 -9.74
CA ILE B 121 -11.37 15.35 -9.20
C ILE B 121 -10.58 14.16 -9.76
N THR B 122 -11.25 13.14 -10.26
CA THR B 122 -10.59 11.90 -10.68
C THR B 122 -9.61 12.15 -11.81
N ASN B 123 -8.59 11.28 -11.90
CA ASN B 123 -7.52 11.43 -12.88
C ASN B 123 -7.65 10.39 -13.99
N PRO B 124 -7.16 10.69 -15.20
CA PRO B 124 -6.59 11.97 -15.68
C PRO B 124 -7.66 13.06 -15.70
N VAL B 125 -7.50 14.11 -14.90
CA VAL B 125 -8.62 14.99 -14.56
C VAL B 125 -9.10 15.77 -15.79
N ASP B 126 -8.18 16.30 -16.60
CA ASP B 126 -8.60 17.05 -17.77
C ASP B 126 -9.43 16.19 -18.70
N VAL B 127 -9.13 14.90 -18.77
CA VAL B 127 -9.84 14.00 -19.67
C VAL B 127 -11.14 13.51 -19.02
N MET B 128 -11.10 13.26 -17.70
CA MET B 128 -12.29 12.80 -17.00
C MET B 128 -13.35 13.89 -16.94
N THR B 129 -12.93 15.16 -16.85
CA THR B 129 -13.89 16.26 -16.92
C THR B 129 -14.57 16.30 -18.28
N TYR B 130 -13.82 16.00 -19.34
CA TYR B 130 -14.41 15.92 -20.67
C TYR B 130 -15.44 14.80 -20.76
N LYS B 131 -15.06 13.61 -20.28
CA LYS B 131 -16.00 12.49 -20.30
C LYS B 131 -17.26 12.84 -19.49
N ALA B 132 -17.08 13.51 -18.36
CA ALA B 132 -18.22 13.89 -17.53
C ALA B 132 -19.11 14.88 -18.26
N LEU B 133 -18.53 15.87 -18.92
CA LEU B 133 -19.36 16.82 -19.66
C LEU B 133 -20.12 16.12 -20.78
N VAL B 134 -19.46 15.19 -21.47
CA VAL B 134 -20.11 14.51 -22.59
C VAL B 134 -21.26 13.65 -22.09
N GLU B 135 -21.00 12.79 -21.10
CA GLU B 135 -22.01 11.83 -20.66
C GLU B 135 -23.09 12.45 -19.78
N SER B 136 -22.80 13.60 -19.15
CA SER B 136 -23.82 14.27 -18.36
C SER B 136 -24.79 15.02 -19.27
N GLY B 137 -24.29 15.58 -20.36
CA GLY B 137 -25.08 16.43 -21.22
C GLY B 137 -25.29 17.83 -20.68
N PHE B 138 -24.79 18.15 -19.50
CA PHE B 138 -24.97 19.47 -18.93
C PHE B 138 -24.29 20.51 -19.83
N GLU B 139 -24.57 21.78 -19.54
CA GLU B 139 -23.92 22.88 -20.24
C GLU B 139 -22.44 22.92 -19.89
N LYS B 140 -21.66 23.63 -20.72
CA LYS B 140 -20.24 23.75 -20.44
C LYS B 140 -19.98 24.47 -19.13
N ASN B 141 -20.95 25.24 -18.62
CA ASN B 141 -20.76 25.93 -17.35
C ASN B 141 -20.89 24.99 -16.17
N GLN B 142 -21.63 23.89 -16.30
CA GLN B 142 -21.92 23.05 -15.15
C GLN B 142 -20.77 22.11 -14.80
N VAL B 143 -20.03 21.62 -15.78
CA VAL B 143 -19.03 20.59 -15.55
C VAL B 143 -17.64 21.23 -15.60
N PHE B 144 -16.82 20.91 -14.59
CA PHE B 144 -15.47 21.42 -14.47
C PHE B 144 -14.69 20.44 -13.61
N GLY B 145 -13.36 20.52 -13.69
CA GLY B 145 -12.49 19.65 -12.93
C GLY B 145 -11.46 20.46 -12.16
N LEU B 146 -10.79 19.78 -11.23
CA LEU B 146 -9.78 20.48 -10.43
C LEU B 146 -8.59 20.88 -11.28
N GLY B 147 -8.23 20.07 -12.27
CA GLY B 147 -7.16 20.44 -13.18
C GLY B 147 -5.88 20.78 -12.45
N THR B 148 -5.28 21.89 -12.85
CA THR B 148 -3.97 22.30 -12.35
C THR B 148 -4.06 23.25 -11.16
N HIS B 149 -5.20 23.30 -10.48
CA HIS B 149 -5.34 24.24 -9.36
C HIS B 149 -4.36 23.90 -8.24
N LEU B 150 -4.26 22.62 -7.89
CA LEU B 150 -3.35 22.24 -6.81
C LEU B 150 -1.90 22.42 -7.23
N ASP B 151 -1.59 22.15 -8.50
CA ASP B 151 -0.24 22.43 -8.98
C ASP B 151 0.07 23.91 -8.85
N SER B 152 -0.89 24.77 -9.20
CA SER B 152 -0.65 26.21 -9.09
C SER B 152 -0.41 26.61 -7.65
N LEU B 153 -1.17 26.04 -6.71
CA LEU B 153 -0.95 26.38 -5.30
C LEU B 153 0.41 25.89 -4.81
N ARG B 154 0.84 24.71 -5.27
CA ARG B 154 2.16 24.20 -4.90
C ARG B 154 3.28 25.05 -5.49
N PHE B 155 3.07 25.60 -6.67
CA PHE B 155 4.01 26.59 -7.22
C PHE B 155 4.00 27.87 -6.39
N LYS B 156 2.81 28.28 -5.97
CA LYS B 156 2.68 29.49 -5.15
C LYS B 156 3.49 29.38 -3.88
N VAL B 157 3.36 28.26 -3.16
CA VAL B 157 4.03 28.15 -1.87
C VAL B 157 5.54 28.25 -2.05
N ALA B 158 6.06 27.69 -3.14
CA ALA B 158 7.50 27.76 -3.39
C ALA B 158 7.93 29.18 -3.71
N ILE B 159 7.22 29.84 -4.62
CA ILE B 159 7.58 31.21 -4.97
C ILE B 159 7.58 32.08 -3.71
N ALA B 160 6.56 31.92 -2.87
CA ALA B 160 6.43 32.74 -1.68
C ALA B 160 7.53 32.43 -0.68
N LYS B 161 7.65 31.17 -0.28
CA LYS B 161 8.65 30.79 0.72
C LYS B 161 10.05 31.16 0.26
N PHE B 162 10.31 31.13 -1.05
CA PHE B 162 11.62 31.56 -1.53
C PHE B 162 11.76 33.08 -1.52
N PHE B 163 10.67 33.81 -1.70
CA PHE B 163 10.71 35.26 -1.58
C PHE B 163 10.47 35.74 -0.15
N GLY B 164 10.32 34.82 0.80
CA GLY B 164 10.18 35.21 2.19
C GLY B 164 8.93 36.00 2.48
N VAL B 165 7.80 35.59 1.91
CA VAL B 165 6.52 36.27 2.11
C VAL B 165 5.47 35.22 2.47
N HIS B 166 4.39 35.70 3.07
CA HIS B 166 3.27 34.82 3.37
C HIS B 166 2.77 34.15 2.09
N ILE B 167 2.30 32.91 2.22
CA ILE B 167 1.88 32.17 1.03
C ILE B 167 0.79 32.94 0.29
N ASP B 168 -0.17 33.49 1.04
CA ASP B 168 -1.28 34.18 0.39
C ASP B 168 -0.83 35.42 -0.36
N GLU B 169 0.37 35.92 -0.06
CA GLU B 169 0.87 37.10 -0.75
C GLU B 169 1.18 36.81 -2.20
N VAL B 170 1.57 35.58 -2.51
CA VAL B 170 1.91 35.17 -3.86
C VAL B 170 0.64 34.73 -4.57
N ARG B 171 0.53 35.07 -5.85
CA ARG B 171 -0.61 34.68 -6.68
C ARG B 171 -0.05 34.31 -8.06
N THR B 172 0.30 33.04 -8.22
CA THR B 172 0.80 32.50 -9.48
C THR B 172 -0.21 31.52 -10.05
N ARG B 173 0.04 31.10 -11.29
CA ARG B 173 -0.88 30.23 -12.01
C ARG B 173 -0.09 29.21 -12.83
N ILE B 174 -0.69 28.03 -13.02
CA ILE B 174 -0.16 27.00 -13.90
C ILE B 174 -1.34 26.47 -14.71
N ILE B 175 -1.35 26.78 -16.00
CA ILE B 175 -2.39 26.32 -16.89
C ILE B 175 -1.86 25.13 -17.69
N GLY B 176 -2.75 24.46 -18.40
CA GLY B 176 -2.40 23.31 -19.21
C GLY B 176 -2.83 22.00 -18.59
N GLU B 177 -2.15 20.94 -19.00
CA GLU B 177 -2.47 19.61 -18.50
C GLU B 177 -2.04 19.45 -17.05
N HIS B 178 -2.87 18.72 -16.29
CA HIS B 178 -2.50 18.29 -14.93
C HIS B 178 -1.55 17.09 -15.05
N GLY B 179 -0.38 17.39 -15.61
CA GLY B 179 0.60 16.37 -15.91
C GLY B 179 1.89 17.00 -16.40
N ASP B 180 2.58 16.33 -17.32
CA ASP B 180 3.90 16.79 -17.71
C ASP B 180 3.86 18.01 -18.63
N SER B 181 2.80 18.17 -19.43
CA SER B 181 2.74 19.28 -20.37
C SER B 181 2.20 20.57 -19.74
N MET B 182 2.17 20.64 -18.41
CA MET B 182 1.72 21.86 -17.75
C MET B 182 2.68 23.01 -18.08
N VAL B 183 2.11 24.18 -18.36
CA VAL B 183 2.89 25.39 -18.59
C VAL B 183 2.63 26.34 -17.43
N PRO B 184 3.61 26.58 -16.55
CA PRO B 184 3.43 27.63 -15.54
C PRO B 184 3.49 29.01 -16.17
N LEU B 185 2.61 29.89 -15.71
CA LEU B 185 2.51 31.24 -16.25
C LEU B 185 3.33 32.19 -15.37
N LEU B 186 4.61 32.33 -15.69
CA LEU B 186 5.40 33.39 -15.07
C LEU B 186 4.86 34.76 -15.46
N SER B 187 4.22 34.87 -16.63
CA SER B 187 3.61 36.15 -17.01
C SER B 187 2.56 36.58 -16.01
N ALA B 188 1.94 35.63 -15.31
CA ALA B 188 0.87 35.89 -14.37
C ALA B 188 1.27 35.53 -12.95
N THR B 189 2.52 35.83 -12.59
CA THR B 189 3.02 35.63 -11.23
C THR B 189 3.30 36.99 -10.62
N SER B 190 2.70 37.26 -9.46
CA SER B 190 2.88 38.53 -8.76
C SER B 190 2.86 38.27 -7.25
N ILE B 191 3.52 39.18 -6.53
CA ILE B 191 3.75 39.03 -5.09
C ILE B 191 3.33 40.32 -4.42
N GLY B 192 2.11 40.36 -3.89
CA GLY B 192 1.55 41.60 -3.39
C GLY B 192 0.91 42.46 -4.45
N GLY B 193 0.55 41.86 -5.59
CA GLY B 193 0.14 42.60 -6.75
C GLY B 193 1.30 43.06 -7.61
N ILE B 194 2.53 42.89 -7.14
CA ILE B 194 3.72 43.38 -7.84
C ILE B 194 4.24 42.23 -8.70
N PRO B 195 4.18 42.34 -10.03
CA PRO B 195 4.72 41.25 -10.86
C PRO B 195 6.11 40.88 -10.38
N ILE B 196 6.36 39.58 -10.25
CA ILE B 196 7.61 39.10 -9.70
C ILE B 196 8.79 39.54 -10.55
N GLN B 197 8.53 39.93 -11.80
CA GLN B 197 9.58 40.39 -12.70
C GLN B 197 10.12 41.77 -12.31
N ARG B 198 9.51 42.41 -11.33
CA ARG B 198 9.93 43.73 -10.87
C ARG B 198 10.74 43.67 -9.57
N PHE B 199 11.11 42.47 -9.13
CA PHE B 199 11.91 42.27 -7.94
C PHE B 199 13.33 41.88 -8.32
N GLU B 200 14.27 42.10 -7.40
CA GLU B 200 15.66 41.79 -7.67
C GLU B 200 15.99 40.33 -7.40
N ARG B 201 15.14 39.61 -6.69
CA ARG B 201 15.39 38.20 -6.42
C ARG B 201 14.80 37.29 -7.50
N PHE B 202 14.16 37.87 -8.51
CA PHE B 202 13.60 37.06 -9.60
C PHE B 202 14.70 36.46 -10.47
N LYS B 203 15.80 37.18 -10.64
CA LYS B 203 16.92 36.66 -11.43
C LYS B 203 17.60 35.50 -10.71
N GLU B 204 17.61 35.52 -9.38
CA GLU B 204 18.18 34.46 -8.57
C GLU B 204 17.14 33.42 -8.16
N LEU B 205 15.95 33.47 -8.74
CA LEU B 205 14.93 32.46 -8.49
C LEU B 205 15.24 31.20 -9.29
N PRO B 206 15.40 30.03 -8.64
CA PRO B 206 15.65 28.81 -9.42
C PRO B 206 14.38 28.30 -10.10
N ILE B 207 13.96 28.98 -11.16
CA ILE B 207 12.65 28.71 -11.75
C ILE B 207 12.58 27.27 -12.25
N ASP B 208 13.64 26.81 -12.92
CA ASP B 208 13.63 25.48 -13.51
C ASP B 208 13.56 24.40 -12.43
N GLU B 209 14.31 24.58 -11.34
CA GLU B 209 14.25 23.60 -10.26
C GLU B 209 12.90 23.62 -9.56
N ILE B 210 12.32 24.81 -9.35
CA ILE B 210 11.03 24.89 -8.68
C ILE B 210 9.94 24.24 -9.51
N ILE B 211 9.94 24.49 -10.82
CA ILE B 211 8.96 23.85 -11.70
C ILE B 211 9.20 22.33 -11.74
N GLU B 212 10.46 21.91 -11.68
CA GLU B 212 10.77 20.47 -11.60
C GLU B 212 10.16 19.86 -10.34
N ASP B 213 10.36 20.51 -9.20
CA ASP B 213 9.80 20.02 -7.95
C ASP B 213 8.28 20.00 -8.02
N VAL B 214 7.67 21.00 -8.65
CA VAL B 214 6.22 21.01 -8.79
C VAL B 214 5.77 19.80 -9.62
N LYS B 215 6.45 19.55 -10.74
CA LYS B 215 6.01 18.48 -11.63
C LYS B 215 6.16 17.11 -10.98
N GLY B 216 7.12 16.95 -10.06
CA GLY B 216 7.28 15.69 -9.34
C GLY B 216 6.66 15.61 -7.95
N TYR B 217 6.03 16.70 -7.49
CA TYR B 217 5.48 16.77 -6.13
C TYR B 217 4.49 15.64 -5.88
N GLY B 218 3.67 15.30 -6.86
CA GLY B 218 2.68 14.26 -6.64
C GLY B 218 3.29 12.90 -6.38
N LYS B 219 4.23 12.49 -7.24
CA LYS B 219 4.94 11.24 -7.01
C LYS B 219 5.62 11.26 -5.64
N GLN B 220 6.14 12.43 -5.25
CA GLN B 220 6.82 12.51 -3.95
C GLN B 220 5.84 12.24 -2.81
N ILE B 221 4.69 12.92 -2.82
CA ILE B 221 3.72 12.70 -1.75
C ILE B 221 3.27 11.25 -1.76
N ILE B 222 3.10 10.66 -2.95
CA ILE B 222 2.62 9.28 -3.02
C ILE B 222 3.67 8.33 -2.44
N ASP B 223 4.95 8.64 -2.60
CA ASP B 223 5.99 7.77 -2.08
C ASP B 223 6.25 7.95 -0.59
N LEU B 224 6.00 9.13 -0.05
CA LEU B 224 6.33 9.36 1.36
C LEU B 224 5.15 9.09 2.28
N LYS B 225 3.99 9.69 1.99
CA LYS B 225 2.83 9.63 2.87
C LYS B 225 1.82 8.56 2.46
N GLY B 226 1.92 8.04 1.23
CA GLY B 226 0.94 7.14 0.70
C GLY B 226 -0.13 7.78 -0.15
N GLY B 227 -0.14 9.11 -0.21
CA GLY B 227 -1.09 9.84 -1.02
C GLY B 227 -1.36 11.21 -0.41
N SER B 228 -1.86 12.11 -1.25
CA SER B 228 -2.28 13.43 -0.81
C SER B 228 -3.77 13.40 -0.50
N GLU B 229 -4.15 13.93 0.66
CA GLU B 229 -5.57 14.04 0.98
C GLU B 229 -5.98 15.41 1.50
N PHE B 230 -5.14 16.08 2.29
CA PHE B 230 -5.55 17.32 2.91
C PHE B 230 -5.55 18.48 1.92
N GLY B 231 -4.45 18.65 1.18
CA GLY B 231 -4.32 19.75 0.25
C GLY B 231 -5.33 19.72 -0.87
N PRO B 232 -5.50 18.54 -1.48
CA PRO B 232 -6.56 18.41 -2.50
C PRO B 232 -7.93 18.77 -1.95
N ALA B 233 -8.22 18.36 -0.71
CA ALA B 233 -9.50 18.70 -0.10
C ALA B 233 -9.61 20.21 0.12
N ALA B 234 -8.52 20.87 0.50
CA ALA B 234 -8.56 22.31 0.71
C ALA B 234 -8.83 23.05 -0.60
N ALA B 235 -8.20 22.61 -1.69
CA ALA B 235 -8.49 23.23 -2.99
C ALA B 235 -9.94 22.99 -3.41
N ILE B 236 -10.44 21.77 -3.17
CA ILE B 236 -11.84 21.49 -3.48
C ILE B 236 -12.76 22.41 -2.69
N LEU B 237 -12.48 22.59 -1.40
CA LEU B 237 -13.28 23.49 -0.58
C LEU B 237 -13.16 24.93 -1.06
N ASN B 238 -11.99 25.32 -1.55
CA ASN B 238 -11.82 26.66 -2.09
C ASN B 238 -12.78 26.89 -3.24
N VAL B 239 -12.81 25.96 -4.20
CA VAL B 239 -13.72 26.13 -5.33
C VAL B 239 -15.17 26.10 -4.87
N VAL B 240 -15.50 25.18 -3.96
CA VAL B 240 -16.88 25.06 -3.49
C VAL B 240 -17.33 26.35 -2.82
N ARG B 241 -16.42 26.98 -2.06
CA ARG B 241 -16.77 28.22 -1.37
C ARG B 241 -16.89 29.39 -2.34
N CYS B 242 -16.09 29.40 -3.41
CA CYS B 242 -16.31 30.41 -4.44
C CYS B 242 -17.68 30.25 -5.07
N ILE B 243 -18.12 29.00 -5.25
CA ILE B 243 -19.43 28.77 -5.84
C ILE B 243 -20.54 29.22 -4.90
N VAL B 244 -20.45 28.82 -3.63
CA VAL B 244 -21.57 29.03 -2.72
C VAL B 244 -21.80 30.51 -2.46
N ASN B 245 -20.73 31.28 -2.30
CA ASN B 245 -20.84 32.71 -1.99
C ASN B 245 -20.69 33.59 -3.23
N ASN B 246 -20.90 33.02 -4.41
CA ASN B 246 -20.80 33.75 -5.67
C ASN B 246 -19.62 34.71 -5.65
N GLU B 247 -18.47 34.19 -5.24
CA GLU B 247 -17.22 34.96 -5.27
C GLU B 247 -16.68 34.85 -6.69
N LYS B 248 -16.92 35.88 -7.50
CA LYS B 248 -16.55 35.86 -8.92
C LYS B 248 -15.04 36.01 -9.00
N ARG B 249 -14.35 34.88 -8.87
CA ARG B 249 -12.91 34.84 -8.67
C ARG B 249 -12.23 34.15 -9.84
N LEU B 250 -11.03 34.64 -10.18
CA LEU B 250 -10.33 34.16 -11.37
C LEU B 250 -9.38 33.05 -10.95
N LEU B 251 -9.86 31.81 -11.02
CA LEU B 251 -9.06 30.66 -10.63
C LEU B 251 -8.53 29.95 -11.87
N THR B 252 -7.76 28.89 -11.65
CA THR B 252 -7.24 28.05 -12.74
C THR B 252 -7.80 26.65 -12.54
N LEU B 253 -8.68 26.23 -13.46
CA LEU B 253 -9.38 24.97 -13.31
C LEU B 253 -9.51 24.28 -14.66
N SER B 254 -9.84 22.99 -14.62
CA SER B 254 -10.03 22.22 -15.84
C SER B 254 -11.40 22.56 -16.44
N ALA B 255 -11.40 23.06 -17.67
CA ALA B 255 -12.61 23.54 -18.29
C ALA B 255 -12.58 23.29 -19.79
N TYR B 256 -13.77 23.24 -20.37
CA TYR B 256 -13.91 23.13 -21.82
C TYR B 256 -13.60 24.47 -22.45
N VAL B 257 -12.69 24.47 -23.42
CA VAL B 257 -12.26 25.68 -24.11
C VAL B 257 -12.78 25.61 -25.53
N ASP B 258 -13.35 26.71 -26.01
CA ASP B 258 -13.94 26.79 -27.35
C ASP B 258 -13.40 28.00 -28.09
N GLY B 259 -12.07 28.16 -28.05
CA GLY B 259 -11.42 29.22 -28.79
C GLY B 259 -11.09 30.48 -28.02
N GLU B 260 -11.15 30.45 -26.69
CA GLU B 260 -10.74 31.60 -25.91
C GLU B 260 -9.24 31.84 -25.95
N PHE B 261 -8.46 30.86 -26.40
CA PHE B 261 -7.03 31.02 -26.62
C PHE B 261 -6.70 30.46 -28.01
N ASP B 262 -5.65 31.00 -28.62
CA ASP B 262 -5.35 30.68 -30.00
C ASP B 262 -4.87 29.23 -30.11
N GLY B 263 -5.57 28.44 -30.91
CA GLY B 263 -5.23 27.05 -31.11
C GLY B 263 -5.82 26.10 -30.10
N ILE B 264 -6.59 26.59 -29.14
CA ILE B 264 -7.12 25.78 -28.05
C ILE B 264 -8.64 25.73 -28.21
N ARG B 265 -9.15 24.55 -28.59
CA ARG B 265 -10.56 24.37 -28.89
C ARG B 265 -10.95 22.93 -28.69
N GLY B 266 -12.18 22.72 -28.21
CA GLY B 266 -12.74 21.38 -28.11
C GLY B 266 -12.03 20.46 -27.17
N VAL B 267 -11.60 20.96 -26.01
CA VAL B 267 -10.88 20.15 -25.04
C VAL B 267 -11.14 20.68 -23.65
N CYS B 268 -11.16 19.77 -22.68
CA CYS B 268 -11.15 20.14 -21.27
C CYS B 268 -9.69 20.18 -20.84
N ILE B 269 -9.19 21.37 -20.53
CA ILE B 269 -7.81 21.55 -20.11
C ILE B 269 -7.79 22.58 -18.99
N GLY B 270 -6.70 22.60 -18.23
CA GLY B 270 -6.51 23.62 -17.23
C GLY B 270 -6.41 24.99 -17.86
N VAL B 271 -7.33 25.88 -17.51
CA VAL B 271 -7.35 27.24 -18.07
C VAL B 271 -7.75 28.23 -16.98
N PRO B 272 -7.46 29.51 -17.19
CA PRO B 272 -7.99 30.55 -16.30
C PRO B 272 -9.48 30.73 -16.54
N VAL B 273 -10.24 30.80 -15.44
CA VAL B 273 -11.69 30.77 -15.51
C VAL B 273 -12.26 31.61 -14.38
N LYS B 274 -13.35 32.31 -14.66
CA LYS B 274 -14.06 33.11 -13.67
C LYS B 274 -15.13 32.23 -13.03
N ILE B 275 -14.92 31.85 -11.78
CA ILE B 275 -15.86 30.99 -11.08
C ILE B 275 -16.81 31.85 -10.26
N GLY B 276 -18.07 31.45 -10.26
CA GLY B 276 -19.10 32.10 -9.50
C GLY B 276 -20.27 31.17 -9.23
N LYS B 277 -21.43 31.75 -8.95
CA LYS B 277 -22.57 30.95 -8.53
C LYS B 277 -22.99 29.93 -9.59
N ASP B 278 -22.71 30.21 -10.87
CA ASP B 278 -23.11 29.34 -11.97
C ASP B 278 -21.95 28.46 -12.44
N GLY B 279 -21.11 28.02 -11.52
CA GLY B 279 -19.93 27.28 -11.92
C GLY B 279 -19.01 28.15 -12.75
N ILE B 280 -18.51 27.59 -13.85
CA ILE B 280 -17.52 28.28 -14.67
C ILE B 280 -18.29 29.27 -15.56
N GLU B 281 -18.34 30.53 -15.12
CA GLU B 281 -19.10 31.55 -15.81
C GLU B 281 -18.37 32.16 -17.00
N GLU B 282 -17.09 31.84 -17.19
CA GLU B 282 -16.32 32.42 -18.28
C GLU B 282 -14.95 31.75 -18.32
N VAL B 283 -14.39 31.62 -19.51
CA VAL B 283 -13.02 31.18 -19.72
C VAL B 283 -12.23 32.43 -20.06
N VAL B 284 -11.52 32.98 -19.06
CA VAL B 284 -10.87 34.27 -19.25
C VAL B 284 -9.74 34.13 -20.26
N SER B 285 -9.73 35.02 -21.26
CA SER B 285 -8.69 35.06 -22.27
C SER B 285 -7.69 36.15 -21.88
N ILE B 286 -6.43 35.78 -21.75
CA ILE B 286 -5.38 36.66 -21.26
C ILE B 286 -4.18 36.58 -22.19
N GLU B 287 -3.35 37.61 -22.13
CA GLU B 287 -2.12 37.62 -22.91
C GLU B 287 -1.10 36.68 -22.27
N LEU B 288 -0.74 35.63 -23.00
CA LEU B 288 0.33 34.73 -22.60
C LEU B 288 1.58 35.03 -23.43
N ASN B 289 2.74 34.84 -22.81
CA ASN B 289 3.99 35.00 -23.54
C ASN B 289 4.09 33.94 -24.62
N LYS B 290 5.01 34.16 -25.56
CA LYS B 290 5.13 33.25 -26.70
C LYS B 290 5.39 31.82 -26.24
N ASP B 291 6.36 31.65 -25.35
CA ASP B 291 6.69 30.31 -24.87
C ASP B 291 5.50 29.68 -24.14
N GLU B 292 4.80 30.47 -23.33
CA GLU B 292 3.65 29.96 -22.61
C GLU B 292 2.54 29.51 -23.55
N ILE B 293 2.28 30.27 -24.61
CA ILE B 293 1.20 29.91 -25.53
C ILE B 293 1.57 28.67 -26.34
N ILE B 294 2.82 28.58 -26.79
CA ILE B 294 3.21 27.38 -27.55
C ILE B 294 3.09 26.15 -26.66
N GLY B 295 3.54 26.26 -25.41
CA GLY B 295 3.40 25.14 -24.49
C GLY B 295 1.95 24.77 -24.24
N PHE B 296 1.08 25.78 -24.06
CA PHE B 296 -0.34 25.54 -23.85
C PHE B 296 -0.94 24.79 -25.04
N ARG B 297 -0.55 25.17 -26.25
CA ARG B 297 -1.10 24.51 -27.44
C ARG B 297 -0.64 23.07 -27.54
N LYS B 298 0.65 22.81 -27.30
CA LYS B 298 1.13 21.42 -27.31
C LYS B 298 0.42 20.59 -26.25
N SER B 299 0.26 21.17 -25.06
CA SER B 299 -0.41 20.47 -23.97
C SER B 299 -1.83 20.10 -24.35
N ALA B 300 -2.56 21.05 -24.95
CA ALA B 300 -3.93 20.75 -25.33
C ALA B 300 -3.99 19.71 -26.44
N GLU B 301 -2.99 19.67 -27.32
CA GLU B 301 -2.94 18.59 -28.31
C GLU B 301 -2.84 17.23 -27.64
N ILE B 302 -1.97 17.12 -26.61
CA ILE B 302 -1.87 15.87 -25.87
C ILE B 302 -3.21 15.52 -25.22
N ILE B 303 -3.80 16.52 -24.56
CA ILE B 303 -5.06 16.28 -23.85
C ILE B 303 -6.13 15.79 -24.81
N LYS B 304 -6.20 16.40 -26.00
CA LYS B 304 -7.20 15.99 -26.99
C LYS B 304 -6.89 14.61 -27.54
N GLY B 305 -5.61 14.26 -27.63
CA GLY B 305 -5.25 12.91 -28.01
C GLY B 305 -5.81 11.88 -27.06
N TYR B 306 -5.80 12.19 -25.75
CA TYR B 306 -6.44 11.27 -24.81
C TYR B 306 -7.96 11.37 -24.88
N CYS B 307 -8.49 12.58 -25.09
CA CYS B 307 -9.94 12.77 -25.07
C CYS B 307 -10.63 12.01 -26.20
N GLU B 308 -9.99 11.93 -27.36
CA GLU B 308 -10.63 11.28 -28.50
C GLU B 308 -10.84 9.79 -28.25
N GLU B 309 -9.93 9.13 -27.53
CA GLU B 309 -10.05 7.69 -27.35
C GLU B 309 -11.16 7.31 -26.38
N VAL B 310 -11.46 8.17 -25.42
CA VAL B 310 -12.41 7.84 -24.36
C VAL B 310 -13.77 8.50 -24.55
N LYS B 311 -13.93 9.33 -25.59
CA LYS B 311 -15.18 10.08 -25.74
C LYS B 311 -16.37 9.15 -25.91
N ASN B 312 -16.16 7.96 -26.46
CA ASN B 312 -17.24 7.04 -26.79
C ASN B 312 -16.96 5.65 -26.22
N LEU B 313 -16.56 5.61 -24.96
CA LEU B 313 -16.23 4.33 -24.30
C LEU B 313 -17.12 4.09 -23.08
N MET C 1 24.30 -25.86 1.57
CA MET C 1 24.93 -24.58 1.14
C MET C 1 24.37 -23.42 1.97
N LYS C 2 25.25 -22.50 2.34
CA LYS C 2 24.86 -21.27 3.04
C LYS C 2 25.09 -20.10 2.08
N VAL C 3 24.02 -19.37 1.78
CA VAL C 3 24.06 -18.25 0.87
C VAL C 3 23.40 -17.07 1.55
N THR C 4 24.04 -15.91 1.49
CA THR C 4 23.49 -14.69 2.09
C THR C 4 23.14 -13.69 1.00
N ILE C 5 21.92 -13.18 1.03
CA ILE C 5 21.44 -12.23 0.02
C ILE C 5 21.32 -10.87 0.69
N ILE C 6 22.25 -9.97 0.38
CA ILE C 6 22.18 -8.59 0.86
C ILE C 6 21.27 -7.81 -0.10
N GLY C 7 20.08 -7.45 0.38
CA GLY C 7 19.09 -6.80 -0.45
C GLY C 7 17.92 -7.72 -0.76
N ALA C 8 17.67 -8.67 0.12
CA ALA C 8 16.52 -9.56 -0.05
C ALA C 8 15.20 -8.80 0.01
N SER C 9 15.19 -7.62 0.65
CA SER C 9 13.96 -6.83 0.71
C SER C 9 13.54 -6.35 -0.66
N GLY C 10 14.46 -6.34 -1.63
CA GLY C 10 14.14 -5.87 -2.96
C GLY C 10 13.27 -6.85 -3.72
N ARG C 11 13.00 -6.48 -4.97
CA ARG C 11 12.21 -7.32 -5.85
C ARG C 11 13.00 -8.57 -6.27
N VAL C 12 14.14 -8.35 -6.94
CA VAL C 12 14.98 -9.45 -7.38
C VAL C 12 15.51 -10.23 -6.19
N GLY C 13 15.89 -9.54 -5.11
CA GLY C 13 16.40 -10.26 -3.96
C GLY C 13 15.39 -11.22 -3.36
N SER C 14 14.14 -10.77 -3.20
CA SER C 14 13.11 -11.62 -2.62
C SER C 14 12.78 -12.80 -3.53
N ALA C 15 12.64 -12.55 -4.83
CA ALA C 15 12.40 -13.68 -5.74
C ALA C 15 13.55 -14.67 -5.70
N THR C 16 14.79 -14.15 -5.61
CA THR C 16 15.96 -15.02 -5.52
C THR C 16 15.94 -15.85 -4.25
N ALA C 17 15.55 -15.23 -3.14
CA ALA C 17 15.47 -15.97 -1.88
C ALA C 17 14.48 -17.13 -2.01
N LEU C 18 13.32 -16.87 -2.62
CA LEU C 18 12.38 -17.96 -2.84
C LEU C 18 13.02 -19.06 -3.67
N LEU C 19 13.52 -18.71 -4.87
CA LEU C 19 13.98 -19.75 -5.79
C LEU C 19 15.13 -20.55 -5.19
N LEU C 20 15.95 -19.92 -4.35
CA LEU C 20 17.09 -20.62 -3.77
C LEU C 20 16.68 -21.50 -2.61
N ALA C 21 15.81 -21.01 -1.73
CA ALA C 21 15.46 -21.78 -0.54
C ALA C 21 14.80 -23.10 -0.92
N LYS C 22 13.98 -23.10 -1.97
CA LYS C 22 13.24 -24.30 -2.35
C LYS C 22 14.13 -25.38 -2.98
N GLU C 23 15.40 -25.08 -3.22
CA GLU C 23 16.32 -26.05 -3.78
C GLU C 23 16.88 -26.96 -2.69
N SER C 24 17.12 -28.22 -3.06
CA SER C 24 17.64 -29.17 -2.10
C SER C 24 19.02 -28.75 -1.58
N PHE C 25 19.88 -28.25 -2.47
CA PHE C 25 21.24 -27.89 -2.05
C PHE C 25 21.26 -26.73 -1.06
N MET C 26 20.20 -25.93 -1.01
CA MET C 26 20.16 -24.78 -0.10
C MET C 26 19.73 -25.23 1.29
N LYS C 27 20.62 -25.08 2.27
CA LYS C 27 20.34 -25.49 3.64
C LYS C 27 20.25 -24.33 4.61
N ASP C 28 20.98 -23.24 4.40
CA ASP C 28 20.99 -22.11 5.32
C ASP C 28 20.97 -20.81 4.51
N LEU C 29 19.80 -20.20 4.38
CA LEU C 29 19.67 -18.93 3.67
C LEU C 29 19.65 -17.80 4.67
N VAL C 30 20.48 -16.79 4.44
CA VAL C 30 20.57 -15.61 5.29
C VAL C 30 20.03 -14.42 4.51
N LEU C 31 18.95 -13.82 5.02
CA LEU C 31 18.31 -12.67 4.38
C LEU C 31 18.74 -11.41 5.14
N ILE C 32 19.53 -10.56 4.48
CA ILE C 32 20.10 -9.38 5.10
C ILE C 32 19.52 -8.13 4.45
N GLY C 33 19.42 -7.08 5.24
CA GLY C 33 18.98 -5.79 4.74
C GLY C 33 19.15 -4.73 5.79
N ARG C 34 18.95 -3.47 5.38
CA ARG C 34 18.97 -2.36 6.33
C ARG C 34 17.85 -2.54 7.35
N GLU C 35 18.02 -1.87 8.50
CA GLU C 35 17.19 -2.19 9.66
C GLU C 35 15.71 -1.90 9.40
N HIS C 36 15.40 -0.81 8.69
CA HIS C 36 14.00 -0.45 8.49
C HIS C 36 13.23 -1.52 7.73
N SER C 37 13.91 -2.39 6.98
CA SER C 37 13.25 -3.43 6.22
C SER C 37 13.19 -4.77 6.96
N ILE C 38 13.73 -4.87 8.17
CA ILE C 38 13.83 -6.17 8.84
C ILE C 38 12.46 -6.82 8.95
N ASN C 39 11.45 -6.05 9.37
CA ASN C 39 10.11 -6.58 9.46
C ASN C 39 9.63 -7.12 8.12
N LYS C 40 9.87 -6.36 7.04
CA LYS C 40 9.56 -6.87 5.72
C LYS C 40 10.28 -8.19 5.48
N LEU C 41 11.59 -8.24 5.77
CA LEU C 41 12.35 -9.47 5.57
C LEU C 41 11.87 -10.59 6.48
N LYS C 42 11.20 -10.24 7.59
CA LYS C 42 10.61 -11.27 8.44
C LYS C 42 9.31 -11.80 7.84
N GLY C 43 8.56 -10.95 7.15
CA GLY C 43 7.42 -11.44 6.40
C GLY C 43 7.83 -12.34 5.25
N LEU C 44 8.84 -11.89 4.49
CA LEU C 44 9.33 -12.70 3.37
C LEU C 44 9.67 -14.11 3.83
N ARG C 45 10.50 -14.21 4.88
CA ARG C 45 10.82 -15.52 5.45
C ARG C 45 9.55 -16.34 5.64
N MET C 46 8.55 -15.77 6.33
CA MET C 46 7.31 -16.48 6.54
C MET C 46 6.78 -17.04 5.23
N ASP C 47 6.57 -16.14 4.26
CA ASP C 47 6.05 -16.54 2.96
C ASP C 47 6.86 -17.69 2.38
N ILE C 48 8.19 -17.55 2.43
CA ILE C 48 9.05 -18.56 1.84
C ILE C 48 8.76 -19.92 2.46
N TYR C 49 8.66 -19.95 3.80
CA TYR C 49 8.44 -21.22 4.48
C TYR C 49 7.13 -21.87 4.03
N ASP C 50 6.09 -21.06 3.80
CA ASP C 50 4.85 -21.62 3.28
C ASP C 50 5.11 -22.35 1.96
N ALA C 51 5.85 -21.69 1.07
CA ALA C 51 6.21 -22.35 -0.19
C ALA C 51 7.01 -23.62 0.08
N LEU C 52 7.89 -23.59 1.08
CA LEU C 52 8.69 -24.77 1.40
C LEU C 52 7.81 -25.92 1.88
N ALA C 53 6.61 -25.63 2.39
CA ALA C 53 5.70 -26.72 2.72
C ALA C 53 4.99 -27.26 1.49
N GLY C 54 4.72 -26.40 0.49
CA GLY C 54 4.07 -26.87 -0.71
C GLY C 54 5.00 -27.52 -1.71
N THR C 55 6.29 -27.19 -1.64
CA THR C 55 7.31 -27.82 -2.48
C THR C 55 7.97 -29.01 -1.80
N GLY C 56 7.69 -29.24 -0.52
CA GLY C 56 8.26 -30.36 0.18
C GLY C 56 9.71 -30.19 0.57
N SER C 57 10.23 -28.96 0.53
CA SER C 57 11.60 -28.68 0.91
C SER C 57 11.63 -28.04 2.30
N ASP C 58 12.85 -27.80 2.80
CA ASP C 58 13.06 -27.18 4.09
C ASP C 58 14.42 -26.50 4.08
N ALA C 59 14.57 -25.47 4.89
CA ALA C 59 15.84 -24.80 5.03
C ALA C 59 15.84 -24.05 6.36
N ASN C 60 16.92 -23.31 6.61
CA ASN C 60 17.07 -22.50 7.81
C ASN C 60 17.24 -21.06 7.36
N ILE C 61 16.14 -20.34 7.31
CA ILE C 61 16.12 -18.96 6.83
C ILE C 61 16.35 -18.04 8.02
N TYR C 62 17.26 -17.08 7.86
CA TYR C 62 17.61 -16.13 8.90
C TYR C 62 17.35 -14.72 8.39
N VAL C 63 17.17 -13.79 9.33
CA VAL C 63 16.87 -12.39 9.01
C VAL C 63 17.62 -11.51 9.98
N GLU C 64 18.41 -10.57 9.46
CA GLU C 64 19.25 -9.74 10.31
C GLU C 64 19.43 -8.37 9.67
N SER C 65 19.88 -7.42 10.49
CA SER C 65 20.19 -6.09 10.03
C SER C 65 21.58 -6.06 9.39
N ASP C 66 21.86 -4.97 8.68
CA ASP C 66 23.15 -4.83 8.01
C ASP C 66 24.26 -4.40 8.96
N GLU C 67 24.04 -4.54 10.27
CA GLU C 67 25.08 -4.34 11.27
C GLU C 67 25.71 -5.65 11.72
N ASN C 68 24.90 -6.61 12.15
CA ASN C 68 25.38 -7.95 12.50
C ASN C 68 25.64 -8.70 11.21
N LEU C 69 26.90 -8.76 10.80
CA LEU C 69 27.29 -9.49 9.61
C LEU C 69 28.05 -10.78 9.93
N ARG C 70 28.09 -11.18 11.21
CA ARG C 70 28.59 -12.51 11.55
C ARG C 70 27.64 -13.61 11.08
N ILE C 71 26.38 -13.27 10.84
CA ILE C 71 25.45 -14.21 10.23
C ILE C 71 25.99 -14.61 8.85
N ILE C 72 26.76 -13.73 8.22
CA ILE C 72 27.37 -14.00 6.92
C ILE C 72 28.56 -14.94 7.01
N ASP C 73 29.06 -15.21 8.22
CA ASP C 73 30.22 -16.07 8.37
C ASP C 73 29.93 -17.45 7.80
N GLU C 74 30.95 -18.05 7.18
CA GLU C 74 30.91 -19.38 6.59
C GLU C 74 29.98 -19.48 5.39
N SER C 75 29.50 -18.35 4.87
CA SER C 75 28.64 -18.37 3.70
C SER C 75 29.45 -18.75 2.47
N ASP C 76 28.92 -19.68 1.67
CA ASP C 76 29.58 -20.07 0.43
C ASP C 76 29.53 -18.94 -0.59
N VAL C 77 28.41 -18.22 -0.66
CA VAL C 77 28.24 -17.12 -1.60
C VAL C 77 27.40 -16.03 -0.95
N VAL C 78 27.73 -14.78 -1.29
CA VAL C 78 26.96 -13.63 -0.84
C VAL C 78 26.53 -12.87 -2.08
N ILE C 79 25.23 -12.89 -2.36
CA ILE C 79 24.64 -12.19 -3.50
C ILE C 79 24.28 -10.79 -3.05
N ILE C 80 24.74 -9.79 -3.80
CA ILE C 80 24.52 -8.38 -3.46
C ILE C 80 23.60 -7.80 -4.53
N THR C 81 22.32 -7.64 -4.18
CA THR C 81 21.36 -6.94 -5.03
C THR C 81 21.10 -5.52 -4.55
N SER C 82 21.66 -5.13 -3.41
CA SER C 82 21.40 -3.81 -2.86
C SER C 82 21.90 -2.72 -3.81
N GLY C 83 21.06 -1.73 -4.05
CA GLY C 83 21.44 -0.63 -4.90
C GLY C 83 20.28 0.33 -5.10
N VAL C 84 20.65 1.56 -5.45
CA VAL C 84 19.66 2.58 -5.78
C VAL C 84 19.26 2.41 -7.24
N ALA C 85 17.96 2.40 -7.50
CA ALA C 85 17.49 2.33 -8.88
C ALA C 85 17.77 3.64 -9.61
N ARG C 86 17.59 3.60 -10.93
CA ARG C 86 17.82 4.78 -11.77
C ARG C 86 16.52 5.59 -11.83
N LYS C 87 16.50 6.72 -11.13
CA LYS C 87 15.38 7.63 -11.21
C LYS C 87 15.61 8.63 -12.35
N GLU C 88 14.64 9.49 -12.57
CA GLU C 88 14.70 10.45 -13.67
C GLU C 88 15.74 11.52 -13.36
N GLY C 89 16.74 11.66 -14.24
CA GLY C 89 17.79 12.65 -14.12
C GLY C 89 19.16 12.06 -13.85
N MET C 90 19.23 10.97 -13.11
CA MET C 90 20.51 10.35 -12.77
C MET C 90 21.23 9.92 -14.04
N SER C 91 22.43 10.45 -14.26
CA SER C 91 23.24 9.99 -15.38
C SER C 91 23.81 8.60 -15.07
N ARG C 92 24.30 7.95 -16.12
CA ARG C 92 24.94 6.65 -15.91
C ARG C 92 26.05 6.77 -14.89
N MET C 93 26.83 7.86 -14.95
CA MET C 93 27.92 8.06 -14.00
C MET C 93 27.40 8.31 -12.60
N ASP C 94 26.31 9.08 -12.47
CA ASP C 94 25.76 9.38 -11.14
C ASP C 94 25.38 8.09 -10.40
N LEU C 95 24.57 7.26 -11.05
CA LEU C 95 24.19 5.99 -10.44
C LEU C 95 25.40 5.09 -10.26
N ALA C 96 26.33 5.11 -11.22
CA ALA C 96 27.56 4.33 -11.08
C ALA C 96 28.23 4.63 -9.75
N LYS C 97 28.42 5.92 -9.45
CA LYS C 97 29.14 6.28 -8.22
C LYS C 97 28.30 5.99 -6.98
N THR C 98 26.99 6.28 -7.01
CA THR C 98 26.18 6.03 -5.83
C THR C 98 26.15 4.55 -5.46
N ASN C 99 25.80 3.70 -6.42
CA ASN C 99 25.79 2.28 -6.16
C ASN C 99 27.19 1.73 -5.96
N ALA C 100 28.21 2.38 -6.50
CA ALA C 100 29.58 1.99 -6.19
C ALA C 100 29.83 2.14 -4.71
N LYS C 101 29.40 3.25 -4.12
CA LYS C 101 29.58 3.43 -2.68
C LYS C 101 28.83 2.36 -1.90
N ILE C 102 27.56 2.13 -2.24
CA ILE C 102 26.78 1.13 -1.51
C ILE C 102 27.44 -0.24 -1.60
N VAL C 103 27.75 -0.67 -2.83
CA VAL C 103 28.24 -2.03 -3.06
C VAL C 103 29.64 -2.20 -2.50
N GLY C 104 30.49 -1.17 -2.63
CA GLY C 104 31.83 -1.27 -2.09
C GLY C 104 31.85 -1.36 -0.58
N ASN C 105 30.98 -0.60 0.08
CA ASN C 105 30.88 -0.72 1.53
C ASN C 105 30.44 -2.14 1.91
N TYR C 106 29.44 -2.68 1.21
CA TYR C 106 29.00 -4.04 1.52
C TYR C 106 30.13 -5.04 1.29
N ALA C 107 30.88 -4.90 0.20
CA ALA C 107 31.97 -5.82 -0.08
C ALA C 107 33.04 -5.73 1.01
N LYS C 108 33.39 -4.52 1.43
CA LYS C 108 34.38 -4.36 2.49
C LYS C 108 33.92 -5.04 3.77
N LYS C 109 32.66 -4.80 4.16
CA LYS C 109 32.17 -5.43 5.38
C LYS C 109 32.09 -6.95 5.26
N ILE C 110 31.82 -7.46 4.06
CA ILE C 110 31.82 -8.91 3.86
C ILE C 110 33.23 -9.47 4.04
N ALA C 111 34.22 -8.81 3.44
CA ALA C 111 35.59 -9.31 3.51
C ALA C 111 36.12 -9.33 4.94
N GLU C 112 35.48 -8.61 5.85
CA GLU C 112 35.95 -8.50 7.22
C GLU C 112 35.29 -9.49 8.17
N ILE C 113 34.40 -10.35 7.68
CA ILE C 113 33.78 -11.39 8.49
C ILE C 113 34.28 -12.77 8.09
N CYS C 114 34.32 -13.05 6.78
CA CYS C 114 34.75 -14.36 6.31
C CYS C 114 35.24 -14.23 4.87
N ASP C 115 35.87 -15.30 4.40
CA ASP C 115 36.41 -15.38 3.05
C ASP C 115 35.38 -16.12 2.19
N THR C 116 34.65 -15.39 1.36
CA THR C 116 33.57 -15.96 0.59
C THR C 116 33.53 -15.35 -0.80
N LYS C 117 32.73 -15.97 -1.68
CA LYS C 117 32.47 -15.43 -3.00
C LYS C 117 31.42 -14.34 -2.93
N ILE C 118 31.56 -13.35 -3.80
CA ILE C 118 30.65 -12.22 -3.88
C ILE C 118 30.03 -12.21 -5.27
N PHE C 119 28.72 -12.47 -5.33
CA PHE C 119 27.96 -12.46 -6.58
C PHE C 119 27.27 -11.10 -6.67
N VAL C 120 27.83 -10.21 -7.47
CA VAL C 120 27.29 -8.86 -7.61
C VAL C 120 26.15 -8.90 -8.63
N ILE C 121 25.00 -8.37 -8.23
CA ILE C 121 23.86 -8.22 -9.13
C ILE C 121 23.51 -6.76 -9.36
N THR C 122 23.96 -5.84 -8.51
CA THR C 122 23.61 -4.43 -8.61
C THR C 122 24.21 -3.81 -9.86
N ASN C 123 23.52 -2.80 -10.40
CA ASN C 123 23.97 -2.11 -11.60
C ASN C 123 24.63 -0.78 -11.26
N PRO C 124 25.52 -0.28 -12.14
CA PRO C 124 26.08 -0.90 -13.35
C PRO C 124 26.81 -2.17 -12.98
N VAL C 125 26.44 -3.33 -13.53
CA VAL C 125 26.90 -4.58 -12.95
C VAL C 125 28.41 -4.76 -13.14
N ASP C 126 28.92 -4.36 -14.31
CA ASP C 126 30.36 -4.46 -14.56
C ASP C 126 31.15 -3.59 -13.59
N VAL C 127 30.74 -2.34 -13.45
CA VAL C 127 31.46 -1.40 -12.59
C VAL C 127 31.28 -1.77 -11.12
N MET C 128 30.08 -2.23 -10.75
CA MET C 128 29.87 -2.64 -9.36
C MET C 128 30.70 -3.88 -9.03
N THR C 129 30.82 -4.81 -9.98
CA THR C 129 31.69 -5.97 -9.76
C THR C 129 33.14 -5.53 -9.62
N TYR C 130 33.56 -4.55 -10.42
CA TYR C 130 34.91 -4.01 -10.27
C TYR C 130 35.13 -3.44 -8.88
N LYS C 131 34.22 -2.57 -8.44
CA LYS C 131 34.34 -1.96 -7.11
C LYS C 131 34.28 -3.03 -6.04
N ALA C 132 33.48 -4.09 -6.24
CA ALA C 132 33.42 -5.17 -5.28
C ALA C 132 34.75 -5.88 -5.16
N LEU C 133 35.41 -6.16 -6.29
CA LEU C 133 36.72 -6.79 -6.23
C LEU C 133 37.71 -5.89 -5.49
N VAL C 134 37.67 -4.59 -5.79
CA VAL C 134 38.63 -3.68 -5.14
C VAL C 134 38.40 -3.64 -3.64
N GLU C 135 37.15 -3.40 -3.22
CA GLU C 135 36.87 -3.20 -1.81
C GLU C 135 36.84 -4.49 -1.01
N SER C 136 36.74 -5.64 -1.68
CA SER C 136 36.75 -6.92 -0.96
C SER C 136 38.17 -7.41 -0.72
N GLY C 137 39.09 -7.12 -1.64
CA GLY C 137 40.43 -7.68 -1.57
C GLY C 137 40.52 -9.13 -1.94
N PHE C 138 39.39 -9.78 -2.22
CA PHE C 138 39.38 -11.19 -2.55
C PHE C 138 40.10 -11.42 -3.89
N GLU C 139 40.28 -12.70 -4.22
CA GLU C 139 40.86 -13.07 -5.49
C GLU C 139 39.86 -12.86 -6.62
N LYS C 140 40.36 -12.88 -7.86
CA LYS C 140 39.49 -12.79 -9.02
C LYS C 140 38.59 -14.01 -9.15
N ASN C 141 39.00 -15.15 -8.59
CA ASN C 141 38.14 -16.34 -8.61
C ASN C 141 36.91 -16.15 -7.74
N GLN C 142 36.93 -15.25 -6.78
CA GLN C 142 35.88 -15.13 -5.79
C GLN C 142 34.83 -14.09 -6.12
N VAL C 143 35.17 -13.05 -6.86
CA VAL C 143 34.26 -11.95 -7.16
C VAL C 143 33.81 -12.06 -8.61
N PHE C 144 32.51 -12.06 -8.82
CA PHE C 144 31.94 -12.09 -10.16
C PHE C 144 30.56 -11.44 -10.11
N GLY C 145 30.09 -10.97 -11.28
CA GLY C 145 28.80 -10.34 -11.37
C GLY C 145 27.95 -11.01 -12.44
N LEU C 146 26.66 -10.69 -12.41
CA LEU C 146 25.74 -11.31 -13.36
C LEU C 146 26.02 -10.85 -14.79
N GLY C 147 26.49 -9.63 -14.97
CA GLY C 147 26.93 -9.17 -16.27
C GLY C 147 25.85 -9.31 -17.32
N THR C 148 26.25 -9.78 -18.50
CA THR C 148 25.37 -9.96 -19.64
C THR C 148 24.75 -11.35 -19.70
N HIS C 149 24.80 -12.10 -18.60
CA HIS C 149 24.23 -13.45 -18.60
C HIS C 149 22.76 -13.43 -18.97
N LEU C 150 21.99 -12.54 -18.32
CA LEU C 150 20.55 -12.49 -18.54
C LEU C 150 20.23 -12.02 -19.95
N ASP C 151 21.02 -11.09 -20.49
CA ASP C 151 20.84 -10.69 -21.88
C ASP C 151 21.10 -11.86 -22.82
N SER C 152 22.09 -12.68 -22.50
CA SER C 152 22.36 -13.86 -23.32
C SER C 152 21.16 -14.80 -23.32
N LEU C 153 20.56 -15.02 -22.14
CA LEU C 153 19.39 -15.90 -22.08
C LEU C 153 18.20 -15.28 -22.82
N ARG C 154 18.05 -13.96 -22.74
CA ARG C 154 16.97 -13.29 -23.45
C ARG C 154 17.16 -13.37 -24.96
N PHE C 155 18.40 -13.38 -25.43
CA PHE C 155 18.68 -13.61 -26.84
C PHE C 155 18.42 -15.06 -27.22
N LYS C 156 18.74 -15.97 -26.30
CA LYS C 156 18.52 -17.41 -26.51
C LYS C 156 17.05 -17.70 -26.76
N VAL C 157 16.16 -17.12 -25.95
CA VAL C 157 14.74 -17.41 -26.11
C VAL C 157 14.26 -16.94 -27.49
N ALA C 158 14.74 -15.78 -27.95
CA ALA C 158 14.29 -15.25 -29.23
C ALA C 158 14.79 -16.09 -30.39
N ILE C 159 16.08 -16.47 -30.37
CA ILE C 159 16.60 -17.35 -31.41
C ILE C 159 15.79 -18.65 -31.46
N ALA C 160 15.50 -19.23 -30.30
CA ALA C 160 14.75 -20.48 -30.27
C ALA C 160 13.34 -20.27 -30.82
N LYS C 161 12.61 -19.29 -30.28
CA LYS C 161 11.23 -19.09 -30.71
C LYS C 161 11.13 -18.81 -32.20
N PHE C 162 12.16 -18.18 -32.78
CA PHE C 162 12.14 -17.97 -34.23
C PHE C 162 12.46 -19.25 -34.99
N PHE C 163 13.36 -20.09 -34.45
CA PHE C 163 13.75 -21.31 -35.13
C PHE C 163 12.85 -22.50 -34.83
N GLY C 164 11.81 -22.31 -34.02
CA GLY C 164 10.89 -23.40 -33.72
C GLY C 164 11.50 -24.52 -32.90
N VAL C 165 12.31 -24.18 -31.91
CA VAL C 165 12.97 -25.15 -31.07
C VAL C 165 12.76 -24.78 -29.61
N HIS C 166 12.96 -25.77 -28.73
CA HIS C 166 12.92 -25.52 -27.30
C HIS C 166 13.96 -24.46 -26.94
N ILE C 167 13.63 -23.63 -25.94
CA ILE C 167 14.57 -22.59 -25.54
C ILE C 167 15.92 -23.21 -25.19
N ASP C 168 15.91 -24.31 -24.43
CA ASP C 168 17.13 -24.97 -24.02
C ASP C 168 17.88 -25.59 -25.18
N GLU C 169 17.24 -25.67 -26.36
CA GLU C 169 17.91 -26.19 -27.55
C GLU C 169 18.91 -25.19 -28.10
N VAL C 170 18.68 -23.90 -27.89
CA VAL C 170 19.57 -22.84 -28.36
C VAL C 170 20.56 -22.50 -27.25
N ARG C 171 21.79 -22.25 -27.64
CA ARG C 171 22.86 -21.89 -26.71
C ARG C 171 23.67 -20.78 -27.35
N THR C 172 23.26 -19.54 -27.09
CA THR C 172 23.91 -18.36 -27.64
C THR C 172 24.72 -17.67 -26.53
N ARG C 173 25.28 -16.51 -26.86
CA ARG C 173 26.14 -15.80 -25.94
C ARG C 173 26.20 -14.33 -26.33
N ILE C 174 26.17 -13.46 -25.32
CA ILE C 174 26.37 -12.02 -25.50
C ILE C 174 27.39 -11.58 -24.46
N ILE C 175 28.59 -11.26 -24.91
CA ILE C 175 29.65 -10.80 -24.04
C ILE C 175 29.73 -9.28 -24.12
N GLY C 176 30.52 -8.67 -23.24
CA GLY C 176 30.67 -7.22 -23.20
C GLY C 176 29.93 -6.62 -22.01
N GLU C 177 29.59 -5.34 -22.19
CA GLU C 177 28.88 -4.62 -21.13
C GLU C 177 27.43 -5.07 -21.03
N HIS C 178 26.88 -4.99 -19.82
CA HIS C 178 25.43 -5.10 -19.62
C HIS C 178 24.80 -3.75 -19.97
N GLY C 179 24.83 -3.45 -21.27
CA GLY C 179 24.35 -2.17 -21.75
C GLY C 179 24.36 -2.10 -23.25
N ASP C 180 24.27 -0.87 -23.77
CA ASP C 180 24.14 -0.68 -25.21
C ASP C 180 25.40 -1.06 -25.97
N SER C 181 26.55 -1.08 -25.31
CA SER C 181 27.79 -1.47 -25.96
C SER C 181 27.98 -2.99 -25.99
N MET C 182 26.94 -3.76 -25.71
CA MET C 182 27.05 -5.20 -25.71
C MET C 182 27.32 -5.72 -27.11
N VAL C 183 28.08 -6.82 -27.18
CA VAL C 183 28.40 -7.48 -28.45
C VAL C 183 27.72 -8.84 -28.46
N PRO C 184 26.76 -9.08 -29.34
CA PRO C 184 26.22 -10.44 -29.51
C PRO C 184 27.16 -11.26 -30.38
N LEU C 185 27.44 -12.49 -29.94
CA LEU C 185 28.38 -13.37 -30.62
C LEU C 185 27.60 -14.38 -31.47
N LEU C 186 27.33 -14.01 -32.72
CA LEU C 186 26.74 -14.97 -33.64
C LEU C 186 27.71 -16.10 -33.97
N SER C 187 29.00 -15.91 -33.71
CA SER C 187 29.97 -16.98 -33.94
C SER C 187 29.79 -18.11 -32.94
N ALA C 188 29.32 -17.79 -31.73
CA ALA C 188 29.10 -18.77 -30.67
C ALA C 188 27.61 -18.98 -30.42
N THR C 189 26.81 -18.98 -31.48
CA THR C 189 25.40 -19.31 -31.42
C THR C 189 25.20 -20.63 -32.15
N SER C 190 24.66 -21.62 -31.45
CA SER C 190 24.39 -22.93 -32.02
C SER C 190 23.03 -23.41 -31.52
N ILE C 191 22.43 -24.30 -32.30
CA ILE C 191 21.09 -24.81 -32.04
C ILE C 191 21.17 -26.32 -32.19
N GLY C 192 21.26 -27.03 -31.07
CA GLY C 192 21.50 -28.46 -31.11
C GLY C 192 22.95 -28.82 -31.34
N GLY C 193 23.87 -27.94 -30.97
CA GLY C 193 25.27 -28.11 -31.29
C GLY C 193 25.61 -27.73 -32.70
N ILE C 194 24.60 -27.44 -33.51
CA ILE C 194 24.79 -27.08 -34.91
C ILE C 194 24.93 -25.56 -34.98
N PRO C 195 26.06 -25.02 -35.42
CA PRO C 195 26.15 -23.57 -35.58
C PRO C 195 24.92 -23.06 -36.32
N ILE C 196 24.37 -21.94 -35.83
CA ILE C 196 23.14 -21.41 -36.42
C ILE C 196 23.37 -21.08 -37.90
N GLN C 197 24.62 -20.83 -38.28
CA GLN C 197 24.97 -20.52 -39.66
C GLN C 197 24.90 -21.74 -40.57
N ARG C 198 24.52 -22.90 -40.04
CA ARG C 198 24.36 -24.11 -40.83
C ARG C 198 22.90 -24.38 -41.20
N PHE C 199 21.98 -23.54 -40.75
CA PHE C 199 20.56 -23.66 -41.06
C PHE C 199 20.19 -22.68 -42.16
N GLU C 200 19.18 -23.04 -42.93
CA GLU C 200 18.71 -22.15 -43.99
C GLU C 200 17.90 -20.98 -43.46
N ARG C 201 17.49 -21.03 -42.18
CA ARG C 201 16.72 -19.95 -41.58
C ARG C 201 17.58 -18.84 -41.02
N PHE C 202 18.87 -19.08 -40.81
CA PHE C 202 19.75 -18.02 -40.35
C PHE C 202 19.80 -16.87 -41.35
N LYS C 203 19.53 -17.16 -42.63
CA LYS C 203 19.44 -16.11 -43.64
C LYS C 203 18.18 -15.28 -43.45
N GLU C 204 17.10 -15.89 -42.96
CA GLU C 204 15.85 -15.20 -42.69
C GLU C 204 15.76 -14.67 -41.26
N LEU C 205 16.82 -14.81 -40.48
CA LEU C 205 16.79 -14.37 -39.08
C LEU C 205 16.82 -12.84 -39.04
N PRO C 206 15.86 -12.18 -38.40
CA PRO C 206 15.95 -10.72 -38.28
C PRO C 206 16.90 -10.32 -37.17
N ILE C 207 18.20 -10.58 -37.38
CA ILE C 207 19.17 -10.42 -36.29
C ILE C 207 19.15 -8.99 -35.77
N ASP C 208 19.02 -8.02 -36.67
CA ASP C 208 19.05 -6.62 -36.27
C ASP C 208 17.89 -6.29 -35.35
N GLU C 209 16.68 -6.74 -35.71
CA GLU C 209 15.53 -6.50 -34.85
C GLU C 209 15.65 -7.25 -33.54
N ILE C 210 16.12 -8.50 -33.57
CA ILE C 210 16.22 -9.28 -32.33
C ILE C 210 17.21 -8.63 -31.39
N ILE C 211 18.35 -8.16 -31.92
CA ILE C 211 19.36 -7.54 -31.07
C ILE C 211 18.84 -6.21 -30.53
N GLU C 212 18.10 -5.44 -31.34
CA GLU C 212 17.52 -4.21 -30.82
C GLU C 212 16.52 -4.51 -29.70
N ASP C 213 15.70 -5.55 -29.87
CA ASP C 213 14.74 -5.90 -28.84
C ASP C 213 15.45 -6.32 -27.56
N VAL C 214 16.52 -7.10 -27.69
CA VAL C 214 17.26 -7.55 -26.51
C VAL C 214 17.90 -6.36 -25.80
N LYS C 215 18.41 -5.39 -26.57
CA LYS C 215 19.09 -4.26 -25.94
C LYS C 215 18.15 -3.43 -25.07
N GLY C 216 16.91 -3.22 -25.54
CA GLY C 216 15.92 -2.48 -24.79
C GLY C 216 15.00 -3.30 -23.92
N TYR C 217 15.28 -4.60 -23.77
CA TYR C 217 14.39 -5.51 -23.07
C TYR C 217 14.16 -5.08 -21.62
N GLY C 218 15.24 -4.74 -20.92
CA GLY C 218 15.13 -4.43 -19.51
C GLY C 218 14.26 -3.22 -19.24
N LYS C 219 14.46 -2.15 -20.02
CA LYS C 219 13.65 -0.96 -19.83
C LYS C 219 12.19 -1.22 -20.17
N GLN C 220 11.94 -2.09 -21.15
CA GLN C 220 10.58 -2.49 -21.46
C GLN C 220 9.92 -3.17 -20.28
N ILE C 221 10.63 -4.09 -19.62
CA ILE C 221 10.07 -4.72 -18.44
C ILE C 221 9.87 -3.71 -17.32
N ILE C 222 10.81 -2.78 -17.16
CA ILE C 222 10.65 -1.76 -16.12
C ILE C 222 9.36 -0.98 -16.35
N ASP C 223 9.04 -0.72 -17.63
CA ASP C 223 7.84 0.07 -17.95
C ASP C 223 6.56 -0.75 -17.86
N LEU C 224 6.60 -2.03 -18.21
CA LEU C 224 5.39 -2.83 -18.29
C LEU C 224 5.01 -3.46 -16.96
N LYS C 225 5.99 -3.99 -16.24
CA LYS C 225 5.76 -4.66 -14.97
C LYS C 225 6.35 -3.89 -13.80
N GLY C 226 7.12 -2.84 -14.07
CA GLY C 226 7.81 -2.11 -13.03
C GLY C 226 9.20 -2.62 -12.73
N GLY C 227 9.57 -3.79 -13.27
CA GLY C 227 10.86 -4.35 -13.01
C GLY C 227 10.86 -5.85 -13.19
N SER C 228 12.01 -6.41 -13.51
CA SER C 228 12.16 -7.85 -13.67
C SER C 228 12.59 -8.44 -12.34
N GLU C 229 11.94 -9.56 -11.96
CA GLU C 229 12.35 -10.27 -10.76
C GLU C 229 12.54 -11.77 -10.97
N PHE C 230 11.67 -12.41 -11.76
CA PHE C 230 11.73 -13.87 -11.86
C PHE C 230 12.91 -14.31 -12.71
N GLY C 231 13.14 -13.66 -13.85
CA GLY C 231 14.22 -14.01 -14.73
C GLY C 231 15.59 -13.79 -14.13
N PRO C 232 15.80 -12.61 -13.55
CA PRO C 232 17.08 -12.37 -12.86
C PRO C 232 17.35 -13.36 -11.75
N ALA C 233 16.32 -13.69 -10.97
CA ALA C 233 16.48 -14.67 -9.90
C ALA C 233 16.80 -16.05 -10.46
N ALA C 234 16.16 -16.43 -11.57
CA ALA C 234 16.44 -17.72 -12.17
C ALA C 234 17.88 -17.79 -12.67
N ALA C 235 18.37 -16.72 -13.30
CA ALA C 235 19.76 -16.71 -13.75
C ALA C 235 20.72 -16.80 -12.56
N ILE C 236 20.42 -16.05 -11.49
CA ILE C 236 21.24 -16.12 -10.29
C ILE C 236 21.27 -17.55 -9.77
N LEU C 237 20.12 -18.21 -9.74
CA LEU C 237 20.07 -19.59 -9.28
C LEU C 237 20.88 -20.50 -10.19
N ASN C 238 20.87 -20.22 -11.49
CA ASN C 238 21.67 -21.02 -12.42
C ASN C 238 23.15 -20.97 -12.03
N VAL C 239 23.66 -19.75 -11.81
CA VAL C 239 25.07 -19.62 -11.43
C VAL C 239 25.34 -20.29 -10.09
N VAL C 240 24.45 -20.08 -9.12
CA VAL C 240 24.64 -20.65 -7.79
C VAL C 240 24.65 -22.18 -7.87
N ARG C 241 23.75 -22.76 -8.66
CA ARG C 241 23.74 -24.21 -8.82
C ARG C 241 25.03 -24.69 -9.47
N CYS C 242 25.49 -24.00 -10.51
CA CYS C 242 26.77 -24.38 -11.11
C CYS C 242 27.86 -24.41 -10.06
N ILE C 243 27.79 -23.51 -9.06
CA ILE C 243 28.82 -23.47 -8.04
C ILE C 243 28.66 -24.60 -7.04
N VAL C 244 27.43 -24.86 -6.58
CA VAL C 244 27.24 -25.77 -5.46
C VAL C 244 27.62 -27.19 -5.84
N ASN C 245 27.32 -27.61 -7.07
CA ASN C 245 27.62 -28.95 -7.53
C ASN C 245 28.92 -29.03 -8.33
N ASN C 246 29.67 -27.93 -8.39
CA ASN C 246 30.90 -27.85 -9.20
C ASN C 246 30.65 -28.31 -10.63
N GLU C 247 29.62 -27.72 -11.24
CA GLU C 247 29.31 -27.96 -12.65
C GLU C 247 30.21 -27.03 -13.47
N LYS C 248 31.30 -27.58 -14.01
CA LYS C 248 32.31 -26.80 -14.72
C LYS C 248 31.71 -26.36 -16.05
N ARG C 249 30.99 -25.25 -16.01
CA ARG C 249 30.16 -24.83 -17.14
C ARG C 249 30.65 -23.51 -17.71
N LEU C 250 30.65 -23.41 -19.04
CA LEU C 250 31.09 -22.21 -19.73
C LEU C 250 29.92 -21.25 -19.83
N LEU C 251 29.75 -20.43 -18.81
CA LEU C 251 28.70 -19.41 -18.81
C LEU C 251 29.35 -18.07 -19.13
N THR C 252 28.52 -17.08 -19.38
CA THR C 252 28.99 -15.72 -19.63
C THR C 252 28.63 -14.86 -18.43
N LEU C 253 29.65 -14.33 -17.75
CA LEU C 253 29.42 -13.56 -16.55
C LEU C 253 30.40 -12.41 -16.48
N SER C 254 30.09 -11.44 -15.62
CA SER C 254 30.99 -10.33 -15.38
C SER C 254 32.19 -10.82 -14.57
N ALA C 255 33.38 -10.65 -15.13
CA ALA C 255 34.60 -11.12 -14.48
C ALA C 255 35.71 -10.10 -14.72
N TYR C 256 36.70 -10.14 -13.83
CA TYR C 256 37.92 -9.37 -14.01
C TYR C 256 38.78 -10.08 -15.06
N VAL C 257 39.19 -9.33 -16.08
CA VAL C 257 39.92 -9.88 -17.21
C VAL C 257 41.30 -9.25 -17.26
N ASP C 258 42.32 -10.09 -17.46
CA ASP C 258 43.72 -9.66 -17.39
C ASP C 258 44.45 -10.06 -18.67
N GLY C 259 43.86 -9.73 -19.81
CA GLY C 259 44.50 -9.98 -21.07
C GLY C 259 44.23 -11.33 -21.70
N GLU C 260 43.19 -12.04 -21.24
CA GLU C 260 42.82 -13.30 -21.88
C GLU C 260 42.27 -13.09 -23.27
N PHE C 261 41.94 -11.85 -23.65
CA PHE C 261 41.50 -11.49 -24.99
C PHE C 261 42.38 -10.37 -25.52
N ASP C 262 42.16 -10.01 -26.79
CA ASP C 262 43.03 -9.06 -27.48
C ASP C 262 42.80 -7.67 -26.92
N GLY C 263 43.70 -7.23 -26.03
CA GLY C 263 43.66 -5.89 -25.47
C GLY C 263 42.74 -5.71 -24.30
N ILE C 264 41.96 -6.73 -23.93
CA ILE C 264 41.02 -6.63 -22.82
C ILE C 264 41.77 -6.94 -21.54
N ARG C 265 41.84 -5.95 -20.64
CA ARG C 265 42.65 -6.10 -19.43
C ARG C 265 42.23 -5.03 -18.42
N GLY C 266 42.40 -5.36 -17.15
CA GLY C 266 42.13 -4.41 -16.09
C GLY C 266 40.72 -3.89 -16.07
N VAL C 267 39.74 -4.77 -16.32
CA VAL C 267 38.35 -4.39 -16.37
C VAL C 267 37.51 -5.57 -15.88
N CYS C 268 36.40 -5.28 -15.20
CA CYS C 268 35.37 -6.27 -14.92
C CYS C 268 34.30 -6.12 -15.99
N ILE C 269 34.23 -7.07 -16.91
CA ILE C 269 33.29 -7.02 -18.03
C ILE C 269 32.72 -8.41 -18.25
N GLY C 270 31.60 -8.45 -18.96
CA GLY C 270 31.00 -9.72 -19.33
C GLY C 270 31.92 -10.49 -20.24
N VAL C 271 32.28 -11.71 -19.84
CA VAL C 271 33.18 -12.55 -20.64
C VAL C 271 32.76 -14.00 -20.53
N PRO C 272 33.24 -14.84 -21.46
CA PRO C 272 33.09 -16.29 -21.30
C PRO C 272 33.97 -16.80 -20.17
N VAL C 273 33.36 -17.54 -19.25
CA VAL C 273 34.01 -17.93 -18.00
C VAL C 273 33.56 -19.34 -17.64
N LYS C 274 34.49 -20.14 -17.14
CA LYS C 274 34.20 -21.49 -16.66
C LYS C 274 33.92 -21.42 -15.17
N ILE C 275 32.66 -21.63 -14.79
CA ILE C 275 32.27 -21.56 -13.40
C ILE C 275 32.27 -22.96 -12.80
N GLY C 276 32.67 -23.03 -11.54
CA GLY C 276 32.68 -24.28 -10.79
C GLY C 276 32.59 -24.01 -9.31
N LYS C 277 33.10 -24.94 -8.50
CA LYS C 277 33.01 -24.81 -7.05
C LYS C 277 33.80 -23.61 -6.55
N ASP C 278 34.86 -23.23 -7.24
CA ASP C 278 35.73 -22.13 -6.82
C ASP C 278 35.44 -20.86 -7.60
N GLY C 279 34.15 -20.61 -7.84
CA GLY C 279 33.78 -19.40 -8.57
C GLY C 279 34.29 -19.45 -9.99
N ILE C 280 34.68 -18.28 -10.49
CA ILE C 280 35.23 -18.22 -11.84
C ILE C 280 36.62 -18.86 -11.81
N GLU C 281 36.71 -20.07 -12.35
CA GLU C 281 37.95 -20.82 -12.39
C GLU C 281 38.76 -20.57 -13.65
N GLU C 282 38.22 -19.81 -14.60
CA GLU C 282 38.94 -19.54 -15.84
C GLU C 282 38.15 -18.52 -16.65
N VAL C 283 38.88 -17.73 -17.43
CA VAL C 283 38.29 -16.83 -18.43
C VAL C 283 38.62 -17.44 -19.78
N VAL C 284 37.65 -18.14 -20.36
CA VAL C 284 37.90 -18.94 -21.54
C VAL C 284 38.25 -18.04 -22.72
N SER C 285 39.29 -18.43 -23.46
CA SER C 285 39.77 -17.67 -24.61
C SER C 285 39.12 -18.22 -25.87
N ILE C 286 38.36 -17.38 -26.57
CA ILE C 286 37.61 -17.80 -27.75
C ILE C 286 38.08 -16.98 -28.95
N GLU C 287 37.86 -17.55 -30.13
CA GLU C 287 38.13 -16.86 -31.38
C GLU C 287 36.88 -16.06 -31.77
N LEU C 288 37.05 -14.75 -31.91
CA LEU C 288 35.95 -13.86 -32.26
C LEU C 288 36.09 -13.41 -33.70
N ASN C 289 34.94 -13.19 -34.35
CA ASN C 289 34.93 -12.57 -35.66
C ASN C 289 35.43 -11.13 -35.53
N LYS C 290 35.87 -10.56 -36.66
CA LYS C 290 36.46 -9.22 -36.64
C LYS C 290 35.52 -8.22 -35.98
N ASP C 291 34.27 -8.17 -36.44
CA ASP C 291 33.30 -7.24 -35.88
C ASP C 291 33.13 -7.47 -34.38
N GLU C 292 33.03 -8.73 -33.96
CA GLU C 292 32.82 -9.02 -32.55
C GLU C 292 33.97 -8.49 -31.71
N ILE C 293 35.21 -8.66 -32.19
CA ILE C 293 36.36 -8.26 -31.39
C ILE C 293 36.49 -6.74 -31.32
N ILE C 294 36.23 -6.04 -32.45
CA ILE C 294 36.29 -4.58 -32.38
C ILE C 294 35.25 -4.06 -31.39
N GLY C 295 34.03 -4.60 -31.46
CA GLY C 295 33.00 -4.18 -30.53
C GLY C 295 33.33 -4.50 -29.09
N PHE C 296 33.91 -5.68 -28.86
CA PHE C 296 34.28 -6.09 -27.51
C PHE C 296 35.31 -5.13 -26.92
N ARG C 297 36.33 -4.78 -27.70
CA ARG C 297 37.34 -3.85 -27.23
C ARG C 297 36.72 -2.50 -26.89
N LYS C 298 35.86 -1.99 -27.78
CA LYS C 298 35.23 -0.69 -27.51
C LYS C 298 34.36 -0.73 -26.26
N SER C 299 33.61 -1.81 -26.08
CA SER C 299 32.76 -1.95 -24.90
C SER C 299 33.58 -1.97 -23.63
N ALA C 300 34.67 -2.74 -23.62
CA ALA C 300 35.51 -2.76 -22.44
C ALA C 300 36.13 -1.40 -22.16
N GLU C 301 36.43 -0.64 -23.22
CA GLU C 301 36.97 0.70 -23.02
C GLU C 301 35.95 1.60 -22.32
N ILE C 302 34.68 1.51 -22.72
CA ILE C 302 33.64 2.26 -22.01
C ILE C 302 33.56 1.82 -20.55
N ILE C 303 33.57 0.50 -20.33
CA ILE C 303 33.47 -0.02 -18.98
C ILE C 303 34.60 0.51 -18.12
N LYS C 304 35.81 0.65 -18.70
CA LYS C 304 36.93 1.18 -17.94
C LYS C 304 36.78 2.67 -17.70
N GLY C 305 36.24 3.40 -18.68
CA GLY C 305 35.94 4.80 -18.49
C GLY C 305 34.97 5.05 -17.36
N TYR C 306 34.17 4.05 -17.00
CA TYR C 306 33.36 4.17 -15.80
C TYR C 306 34.05 3.61 -14.55
N CYS C 307 34.77 2.50 -14.69
CA CYS C 307 35.49 1.93 -13.54
C CYS C 307 36.42 2.95 -12.92
N GLU C 308 36.98 3.84 -13.75
CA GLU C 308 37.99 4.77 -13.26
C GLU C 308 37.49 5.61 -12.10
N GLU C 309 36.26 6.13 -12.19
CA GLU C 309 35.79 7.14 -11.25
C GLU C 309 35.30 6.57 -9.92
N VAL C 310 35.09 5.26 -9.83
CA VAL C 310 34.58 4.66 -8.59
C VAL C 310 35.64 3.83 -7.88
N LYS C 311 36.84 3.68 -8.46
CA LYS C 311 37.83 2.80 -7.88
C LYS C 311 38.26 3.25 -6.49
N ASN C 312 38.13 4.55 -6.20
CA ASN C 312 38.54 5.11 -4.92
C ASN C 312 37.46 6.00 -4.33
N LEU C 313 36.21 5.55 -4.45
CA LEU C 313 35.06 6.30 -3.95
C LEU C 313 34.22 5.42 -3.02
N MET D 1 2.69 30.90 18.51
CA MET D 1 2.61 29.66 19.32
C MET D 1 3.45 28.54 18.70
N LYS D 2 4.05 27.74 19.57
CA LYS D 2 4.80 26.55 19.16
C LYS D 2 4.16 25.34 19.82
N VAL D 3 3.81 24.35 19.02
CA VAL D 3 3.19 23.12 19.50
C VAL D 3 3.91 21.96 18.84
N THR D 4 4.23 20.93 19.63
CA THR D 4 4.90 19.74 19.11
C THR D 4 3.99 18.53 19.26
N ILE D 5 3.87 17.73 18.20
CA ILE D 5 3.04 16.55 18.19
C ILE D 5 3.97 15.34 18.12
N ILE D 6 4.06 14.58 19.22
CA ILE D 6 4.85 13.36 19.26
C ILE D 6 3.95 12.21 18.82
N GLY D 7 4.19 11.68 17.63
CA GLY D 7 3.29 10.75 17.01
C GLY D 7 2.47 11.35 15.93
N ALA D 8 2.97 12.37 15.25
CA ALA D 8 2.24 13.00 14.16
C ALA D 8 2.05 12.04 12.98
N SER D 9 2.86 10.98 12.90
CA SER D 9 2.71 10.03 11.80
C SER D 9 1.44 9.22 11.93
N GLY D 10 0.86 9.13 13.12
CA GLY D 10 -0.33 8.35 13.33
C GLY D 10 -1.54 8.97 12.65
N ARG D 11 -2.69 8.39 12.95
CA ARG D 11 -3.95 8.89 12.42
C ARG D 11 -4.33 10.20 13.10
N VAL D 12 -4.55 10.14 14.41
CA VAL D 12 -4.92 11.33 15.17
C VAL D 12 -3.82 12.37 15.08
N GLY D 13 -2.57 11.96 15.23
CA GLY D 13 -1.48 12.92 15.17
C GLY D 13 -1.46 13.68 13.85
N SER D 14 -1.62 12.97 12.75
CA SER D 14 -1.56 13.60 11.42
C SER D 14 -2.74 14.54 11.20
N ALA D 15 -3.95 14.08 11.47
CA ALA D 15 -5.12 14.94 11.28
C ALA D 15 -5.04 16.16 12.20
N THR D 16 -4.54 15.97 13.42
CA THR D 16 -4.40 17.08 14.36
C THR D 16 -3.36 18.08 13.87
N ALA D 17 -2.26 17.59 13.30
CA ALA D 17 -1.28 18.49 12.70
C ALA D 17 -1.94 19.35 11.62
N LEU D 18 -2.76 18.75 10.78
CA LEU D 18 -3.46 19.55 9.77
C LEU D 18 -4.33 20.61 10.44
N LEU D 19 -5.21 20.18 11.34
CA LEU D 19 -6.18 21.12 11.90
C LEU D 19 -5.48 22.25 12.65
N LEU D 20 -4.34 21.95 13.30
CA LEU D 20 -3.64 22.98 14.06
C LEU D 20 -2.91 23.95 13.14
N ALA D 21 -2.12 23.43 12.19
CA ALA D 21 -1.34 24.33 11.33
C ALA D 21 -2.24 25.31 10.59
N LYS D 22 -3.48 24.89 10.29
CA LYS D 22 -4.42 25.73 9.54
C LYS D 22 -4.73 27.02 10.28
N GLU D 23 -4.62 27.03 11.60
CA GLU D 23 -5.08 28.16 12.41
C GLU D 23 -4.08 29.30 12.37
N SER D 24 -4.61 30.52 12.52
CA SER D 24 -3.76 31.70 12.47
C SER D 24 -2.73 31.71 13.60
N PHE D 25 -3.14 31.28 14.80
CA PHE D 25 -2.22 31.35 15.94
C PHE D 25 -1.06 30.38 15.79
N MET D 26 -1.25 29.27 15.08
CA MET D 26 -0.18 28.29 14.92
C MET D 26 0.91 28.88 14.03
N LYS D 27 2.08 29.13 14.60
CA LYS D 27 3.20 29.69 13.87
C LYS D 27 4.36 28.73 13.72
N ASP D 28 4.52 27.80 14.65
CA ASP D 28 5.60 26.80 14.60
C ASP D 28 5.02 25.46 15.03
N LEU D 29 4.90 24.53 14.09
CA LEU D 29 4.41 23.19 14.39
C LEU D 29 5.57 22.23 14.22
N VAL D 30 5.91 21.50 15.27
CA VAL D 30 7.01 20.54 15.27
C VAL D 30 6.43 19.14 15.22
N LEU D 31 6.84 18.35 14.24
CA LEU D 31 6.34 17.00 14.02
C LEU D 31 7.42 16.01 14.47
N ILE D 32 7.14 15.29 15.55
CA ILE D 32 8.09 14.36 16.15
C ILE D 32 7.61 12.94 15.92
N GLY D 33 8.56 12.02 15.82
CA GLY D 33 8.24 10.61 15.68
C GLY D 33 9.52 9.80 15.63
N ARG D 34 9.36 8.49 15.81
CA ARG D 34 10.49 7.59 15.72
C ARG D 34 11.13 7.69 14.34
N GLU D 35 12.40 7.27 14.25
CA GLU D 35 13.17 7.55 13.05
C GLU D 35 12.58 6.89 11.82
N HIS D 36 12.06 5.66 11.97
CA HIS D 36 11.54 4.94 10.80
C HIS D 36 10.38 5.68 10.15
N SER D 37 9.77 6.63 10.84
CA SER D 37 8.64 7.40 10.31
C SER D 37 9.04 8.75 9.73
N ILE D 38 10.34 9.08 9.71
CA ILE D 38 10.75 10.42 9.33
C ILE D 38 10.31 10.76 7.91
N ASN D 39 10.30 9.77 7.01
CA ASN D 39 9.87 10.05 5.65
C ASN D 39 8.35 10.23 5.56
N LYS D 40 7.58 9.51 6.37
CA LYS D 40 6.14 9.72 6.34
C LYS D 40 5.80 11.14 6.78
N LEU D 41 6.33 11.55 7.94
CA LEU D 41 6.05 12.89 8.46
C LEU D 41 6.49 13.95 7.47
N LYS D 42 7.68 13.79 6.87
CA LYS D 42 8.09 14.71 5.83
C LYS D 42 7.00 14.82 4.76
N GLY D 43 6.51 13.68 4.27
CA GLY D 43 5.42 13.72 3.32
C GLY D 43 4.23 14.47 3.86
N LEU D 44 3.88 14.21 5.12
CA LEU D 44 2.79 14.96 5.75
C LEU D 44 3.05 16.45 5.66
N ARG D 45 4.27 16.89 5.95
CA ARG D 45 4.58 18.32 5.89
C ARG D 45 4.22 18.89 4.54
N MET D 46 4.46 18.13 3.46
CA MET D 46 4.10 18.61 2.13
C MET D 46 2.59 18.78 2.02
N ASP D 47 1.84 17.73 2.35
CA ASP D 47 0.40 17.77 2.18
C ASP D 47 -0.19 18.93 2.98
N ILE D 48 0.18 19.02 4.27
CA ILE D 48 -0.26 20.13 5.09
C ILE D 48 -0.04 21.45 4.36
N TYR D 49 1.19 21.66 3.86
CA TYR D 49 1.51 22.95 3.25
C TYR D 49 0.57 23.24 2.08
N ASP D 50 0.26 22.23 1.26
CA ASP D 50 -0.68 22.46 0.17
C ASP D 50 -2.01 22.98 0.72
N ALA D 51 -2.55 22.30 1.74
CA ALA D 51 -3.78 22.76 2.35
C ALA D 51 -3.60 24.17 2.92
N LEU D 52 -2.40 24.49 3.42
CA LEU D 52 -2.15 25.83 3.93
C LEU D 52 -2.17 26.89 2.84
N ALA D 53 -1.91 26.50 1.59
CA ALA D 53 -2.12 27.43 0.49
C ALA D 53 -3.59 27.49 0.07
N GLY D 54 -4.34 26.41 0.29
CA GLY D 54 -5.75 26.43 -0.06
C GLY D 54 -6.58 27.21 0.92
N THR D 55 -6.19 27.23 2.19
CA THR D 55 -6.86 28.00 3.22
C THR D 55 -6.35 29.43 3.32
N GLY D 56 -5.26 29.75 2.62
CA GLY D 56 -4.67 31.07 2.75
C GLY D 56 -3.90 31.28 4.01
N SER D 57 -3.48 30.21 4.68
CA SER D 57 -2.71 30.31 5.91
C SER D 57 -1.24 30.01 5.61
N ASP D 58 -0.41 30.14 6.65
CA ASP D 58 1.01 29.81 6.56
C ASP D 58 1.53 29.47 7.94
N ALA D 59 2.53 28.61 7.99
CA ALA D 59 3.17 28.25 9.26
C ALA D 59 4.55 27.70 8.96
N ASN D 60 5.30 27.41 10.02
CA ASN D 60 6.64 26.83 9.91
C ASN D 60 6.60 25.45 10.53
N ILE D 61 6.42 24.43 9.69
CA ILE D 61 6.32 23.05 10.12
C ILE D 61 7.69 22.42 10.04
N TYR D 62 8.09 21.76 11.13
CA TYR D 62 9.39 21.11 11.26
C TYR D 62 9.19 19.61 11.41
N VAL D 63 10.23 18.85 11.05
CA VAL D 63 10.17 17.39 11.13
C VAL D 63 11.50 16.90 11.69
N GLU D 64 11.44 16.18 12.81
CA GLU D 64 12.64 15.72 13.47
C GLU D 64 12.36 14.37 14.12
N SER D 65 13.43 13.59 14.32
CA SER D 65 13.30 12.27 14.90
C SER D 65 13.25 12.35 16.42
N ASP D 66 12.79 11.26 17.04
CA ASP D 66 12.59 11.24 18.48
C ASP D 66 13.90 11.03 19.25
N GLU D 67 15.05 11.06 18.57
CA GLU D 67 16.34 11.13 19.23
C GLU D 67 16.98 12.50 19.11
N ASN D 68 16.28 13.47 18.51
CA ASN D 68 16.72 14.87 18.42
C ASN D 68 15.52 15.69 18.86
N LEU D 69 15.38 15.90 20.16
CA LEU D 69 14.20 16.52 20.73
C LEU D 69 14.44 17.94 21.22
N ARG D 70 15.59 18.54 20.88
CA ARG D 70 15.81 19.94 21.23
C ARG D 70 14.86 20.85 20.47
N ILE D 71 14.24 20.37 19.40
CA ILE D 71 13.27 21.16 18.65
C ILE D 71 11.96 21.32 19.41
N ILE D 72 11.75 20.55 20.48
CA ILE D 72 10.59 20.76 21.34
C ILE D 72 10.77 21.94 22.28
N ASP D 73 11.96 22.51 22.34
CA ASP D 73 12.23 23.61 23.25
C ASP D 73 11.33 24.79 22.94
N GLU D 74 10.92 25.49 24.00
CA GLU D 74 10.07 26.69 23.94
C GLU D 74 8.66 26.38 23.46
N SER D 75 8.27 25.10 23.41
CA SER D 75 6.93 24.74 22.97
C SER D 75 5.90 25.14 24.01
N ASP D 76 4.83 25.79 23.55
CA ASP D 76 3.72 26.09 24.44
C ASP D 76 3.04 24.81 24.91
N VAL D 77 2.86 23.84 24.01
CA VAL D 77 2.23 22.57 24.36
C VAL D 77 2.85 21.46 23.52
N VAL D 78 2.94 20.28 24.12
CA VAL D 78 3.39 19.08 23.44
C VAL D 78 2.28 18.04 23.57
N ILE D 79 1.66 17.69 22.45
CA ILE D 79 0.61 16.69 22.39
C ILE D 79 1.27 15.33 22.14
N ILE D 80 1.06 14.40 23.06
CA ILE D 80 1.67 13.07 22.98
C ILE D 80 0.59 12.11 22.50
N THR D 81 0.68 11.73 21.22
CA THR D 81 -0.20 10.74 20.63
C THR D 81 0.45 9.37 20.50
N SER D 82 1.77 9.28 20.63
CA SER D 82 2.46 8.01 20.46
C SER D 82 1.91 6.96 21.41
N GLY D 83 1.64 5.78 20.87
CA GLY D 83 1.11 4.69 21.67
C GLY D 83 0.83 3.44 20.85
N GLY D 89 -5.15 -9.94 21.65
CA GLY D 89 -5.57 -10.59 22.88
C GLY D 89 -5.02 -9.90 24.12
N MET D 90 -4.79 -8.61 24.00
CA MET D 90 -4.25 -7.81 25.09
C MET D 90 -5.33 -7.46 26.09
N SER D 91 -4.95 -7.43 27.36
CA SER D 91 -5.86 -6.98 28.41
C SER D 91 -5.73 -5.47 28.60
N ARG D 92 -6.69 -4.90 29.33
CA ARG D 92 -6.61 -3.48 29.65
C ARG D 92 -5.33 -3.18 30.41
N MET D 93 -5.00 -4.02 31.40
CA MET D 93 -3.76 -3.82 32.14
C MET D 93 -2.54 -4.00 31.25
N ASP D 94 -2.60 -4.91 30.27
CA ASP D 94 -1.47 -5.11 29.38
C ASP D 94 -1.16 -3.86 28.57
N LEU D 95 -2.18 -3.31 27.90
CA LEU D 95 -1.96 -2.08 27.12
C LEU D 95 -1.56 -0.93 28.02
N ALA D 96 -2.18 -0.83 29.19
CA ALA D 96 -1.80 0.22 30.13
C ALA D 96 -0.32 0.14 30.46
N LYS D 97 0.16 -1.07 30.78
CA LYS D 97 1.55 -1.25 31.18
C LYS D 97 2.49 -0.96 30.02
N THR D 98 2.11 -1.36 28.80
CA THR D 98 3.00 -1.12 27.66
C THR D 98 3.08 0.36 27.30
N ASN D 99 1.92 1.02 27.19
CA ASN D 99 1.91 2.43 26.82
C ASN D 99 2.45 3.32 27.93
N ALA D 100 2.38 2.87 29.19
CA ALA D 100 2.93 3.68 30.27
C ALA D 100 4.41 3.92 30.06
N LYS D 101 5.13 2.91 29.56
CA LYS D 101 6.57 3.06 29.37
C LYS D 101 6.87 4.12 28.31
N ILE D 102 6.16 4.09 27.19
CA ILE D 102 6.40 5.06 26.13
C ILE D 102 6.01 6.47 26.59
N VAL D 103 4.82 6.60 27.19
CA VAL D 103 4.35 7.91 27.63
C VAL D 103 5.30 8.48 28.68
N GLY D 104 5.70 7.66 29.64
CA GLY D 104 6.58 8.14 30.69
C GLY D 104 7.96 8.52 30.16
N ASN D 105 8.51 7.72 29.24
CA ASN D 105 9.80 8.07 28.67
C ASN D 105 9.73 9.38 27.90
N TYR D 106 8.66 9.58 27.12
CA TYR D 106 8.55 10.82 26.36
C TYR D 106 8.33 12.02 27.28
N ALA D 107 7.52 11.85 28.33
CA ALA D 107 7.37 12.93 29.30
C ALA D 107 8.70 13.24 29.98
N LYS D 108 9.45 12.20 30.35
CA LYS D 108 10.78 12.40 30.92
C LYS D 108 11.64 13.24 30.01
N LYS D 109 11.76 12.84 28.75
CA LYS D 109 12.65 13.56 27.84
C LYS D 109 12.14 14.96 27.54
N ILE D 110 10.83 15.19 27.64
CA ILE D 110 10.30 16.54 27.50
C ILE D 110 10.73 17.40 28.68
N ALA D 111 10.66 16.86 29.90
CA ALA D 111 11.02 17.66 31.07
C ALA D 111 12.49 18.06 31.04
N GLU D 112 13.33 17.28 30.38
CA GLU D 112 14.76 17.57 30.31
C GLU D 112 15.11 18.55 29.19
N ILE D 113 14.14 18.91 28.36
CA ILE D 113 14.36 19.85 27.26
C ILE D 113 13.83 21.23 27.60
N CYS D 114 12.63 21.30 28.16
CA CYS D 114 12.02 22.58 28.51
C CYS D 114 10.91 22.33 29.52
N ASP D 115 10.42 23.42 30.10
CA ASP D 115 9.30 23.40 31.05
C ASP D 115 8.06 23.79 30.26
N THR D 116 7.32 22.79 29.77
CA THR D 116 6.18 23.00 28.90
C THR D 116 5.00 22.18 29.39
N LYS D 117 3.85 22.40 28.75
CA LYS D 117 2.65 21.64 29.03
C LYS D 117 2.61 20.37 28.18
N ILE D 118 2.07 19.30 28.75
CA ILE D 118 1.96 18.01 28.09
C ILE D 118 0.49 17.67 27.98
N PHE D 119 0.01 17.49 26.75
CA PHE D 119 -1.37 17.12 26.45
C PHE D 119 -1.35 15.63 26.08
N VAL D 120 -1.79 14.80 27.02
CA VAL D 120 -1.75 13.35 26.84
C VAL D 120 -2.96 12.92 26.03
N ILE D 121 -2.71 12.25 24.90
CA ILE D 121 -3.77 11.69 24.08
C ILE D 121 -3.75 10.17 24.08
N THR D 122 -2.62 9.54 24.37
CA THR D 122 -2.51 8.09 24.34
C THR D 122 -3.40 7.46 25.40
N ASN D 123 -3.89 6.25 25.11
CA ASN D 123 -4.73 5.51 26.04
C ASN D 123 -3.91 4.46 26.80
N PRO D 124 -4.35 4.07 28.00
CA PRO D 124 -5.50 4.59 28.77
C PRO D 124 -5.27 6.05 29.15
N VAL D 125 -6.14 6.98 28.80
CA VAL D 125 -5.81 8.39 28.95
C VAL D 125 -5.64 8.75 30.43
N ASP D 126 -6.56 8.28 31.29
CA ASP D 126 -6.51 8.67 32.70
C ASP D 126 -5.26 8.15 33.39
N VAL D 127 -4.73 7.02 32.94
CA VAL D 127 -3.53 6.43 33.55
C VAL D 127 -2.26 6.98 32.90
N MET D 128 -2.29 7.15 31.58
CA MET D 128 -1.14 7.72 30.90
C MET D 128 -0.90 9.16 31.33
N THR D 129 -1.96 9.91 31.64
CA THR D 129 -1.78 11.26 32.16
C THR D 129 -1.07 11.23 33.52
N TYR D 130 -1.46 10.27 34.38
CA TYR D 130 -0.80 10.11 35.67
C TYR D 130 0.68 9.82 35.48
N LYS D 131 1.00 8.89 34.57
CA LYS D 131 2.41 8.57 34.34
C LYS D 131 3.15 9.76 33.74
N ALA D 132 2.49 10.51 32.86
CA ALA D 132 3.12 11.69 32.27
C ALA D 132 3.46 12.70 33.36
N LEU D 133 2.52 12.96 34.27
CA LEU D 133 2.78 13.89 35.36
C LEU D 133 3.92 13.39 36.24
N VAL D 134 3.92 12.10 36.57
CA VAL D 134 4.95 11.55 37.45
C VAL D 134 6.33 11.71 36.81
N GLU D 135 6.52 11.10 35.63
CA GLU D 135 7.84 11.13 35.00
C GLU D 135 8.22 12.52 34.52
N SER D 136 7.26 13.44 34.38
CA SER D 136 7.57 14.77 33.91
C SER D 136 8.18 15.63 35.00
N GLY D 137 7.72 15.49 36.23
CA GLY D 137 8.13 16.38 37.29
C GLY D 137 7.49 17.74 37.26
N PHE D 138 6.63 17.99 36.27
CA PHE D 138 5.96 19.27 36.14
C PHE D 138 4.85 19.41 37.20
N GLU D 139 4.36 20.64 37.34
CA GLU D 139 3.24 20.89 38.24
C GLU D 139 1.97 20.26 37.69
N LYS D 140 0.99 20.07 38.59
CA LYS D 140 -0.27 19.47 38.17
C LYS D 140 -1.00 20.30 37.13
N ASN D 141 -0.70 21.60 37.04
CA ASN D 141 -1.34 22.47 36.07
C ASN D 141 -0.79 22.28 34.66
N GLN D 142 0.42 21.72 34.52
CA GLN D 142 1.08 21.63 33.23
C GLN D 142 0.68 20.37 32.46
N VAL D 143 0.46 19.26 33.14
CA VAL D 143 0.18 17.99 32.48
C VAL D 143 -1.31 17.68 32.62
N PHE D 144 -1.93 17.36 31.49
CA PHE D 144 -3.37 17.11 31.41
C PHE D 144 -3.60 16.16 30.25
N GLY D 145 -4.81 15.58 30.22
CA GLY D 145 -5.13 14.60 29.19
C GLY D 145 -6.50 14.86 28.60
N LEU D 146 -6.72 14.28 27.42
CA LEU D 146 -7.99 14.50 26.73
C LEU D 146 -9.16 13.94 27.52
N GLY D 147 -8.94 12.86 28.26
CA GLY D 147 -9.99 12.32 29.11
C GLY D 147 -11.26 12.05 28.34
N THR D 148 -12.39 12.36 28.98
CA THR D 148 -13.70 12.14 28.41
C THR D 148 -14.21 13.35 27.63
N HIS D 149 -13.31 14.25 27.21
CA HIS D 149 -13.72 15.40 26.41
C HIS D 149 -14.50 14.95 25.18
N LEU D 150 -13.92 14.03 24.41
CA LEU D 150 -14.58 13.55 23.20
C LEU D 150 -15.86 12.79 23.53
N ASP D 151 -15.86 12.03 24.63
CA ASP D 151 -17.07 11.34 25.04
C ASP D 151 -18.17 12.33 25.38
N SER D 152 -17.82 13.41 26.08
CA SER D 152 -18.81 14.43 26.38
C SER D 152 -19.35 15.06 25.10
N LEU D 153 -18.49 15.29 24.12
CA LEU D 153 -18.96 15.89 22.86
C LEU D 153 -19.88 14.96 22.10
N ARG D 154 -19.59 13.65 22.10
CA ARG D 154 -20.49 12.68 21.48
C ARG D 154 -21.84 12.64 22.20
N PHE D 155 -21.82 12.71 23.53
CA PHE D 155 -23.08 12.81 24.27
C PHE D 155 -23.81 14.12 23.91
N LYS D 156 -23.04 15.19 23.67
CA LYS D 156 -23.64 16.47 23.30
C LYS D 156 -24.38 16.37 21.97
N VAL D 157 -23.72 15.79 20.96
CA VAL D 157 -24.39 15.67 19.67
C VAL D 157 -25.62 14.80 19.83
N ALA D 158 -25.57 13.79 20.72
CA ALA D 158 -26.75 12.95 20.93
C ALA D 158 -27.93 13.75 21.52
N ILE D 159 -27.68 14.45 22.64
CA ILE D 159 -28.74 15.24 23.25
C ILE D 159 -29.31 16.23 22.23
N ALA D 160 -28.42 16.90 21.50
CA ALA D 160 -28.86 17.93 20.55
C ALA D 160 -29.70 17.34 19.42
N LYS D 161 -29.18 16.30 18.75
CA LYS D 161 -29.92 15.70 17.66
C LYS D 161 -31.24 15.10 18.13
N PHE D 162 -31.34 14.73 19.41
CA PHE D 162 -32.64 14.26 19.89
C PHE D 162 -33.60 15.41 20.15
N PHE D 163 -33.11 16.54 20.65
CA PHE D 163 -33.97 17.69 20.94
C PHE D 163 -34.17 18.60 19.74
N GLY D 164 -33.63 18.26 18.58
CA GLY D 164 -33.81 19.07 17.39
C GLY D 164 -33.17 20.44 17.43
N VAL D 165 -31.94 20.53 17.95
CA VAL D 165 -31.25 21.80 18.09
C VAL D 165 -29.82 21.65 17.57
N HIS D 166 -29.17 22.80 17.42
CA HIS D 166 -27.78 22.84 16.97
C HIS D 166 -26.86 22.20 18.01
N ILE D 167 -25.78 21.60 17.54
CA ILE D 167 -24.86 20.90 18.43
C ILE D 167 -24.27 21.88 19.45
N ASP D 168 -23.84 23.05 18.96
CA ASP D 168 -23.27 24.06 19.84
C ASP D 168 -24.30 24.61 20.82
N GLU D 169 -25.59 24.33 20.59
CA GLU D 169 -26.64 24.75 21.51
C GLU D 169 -26.70 23.88 22.76
N VAL D 170 -26.16 22.67 22.71
CA VAL D 170 -26.12 21.78 23.86
C VAL D 170 -24.77 21.90 24.53
N ARG D 171 -24.76 21.71 25.84
CA ARG D 171 -23.50 21.59 26.58
C ARG D 171 -23.74 20.63 27.75
N THR D 172 -23.46 19.36 27.51
CA THR D 172 -23.49 18.31 28.52
C THR D 172 -22.06 17.89 28.83
N ARG D 173 -21.90 17.06 29.85
CA ARG D 173 -20.60 16.61 30.29
C ARG D 173 -20.67 15.15 30.71
N ILE D 174 -19.53 14.47 30.56
CA ILE D 174 -19.34 13.12 31.08
C ILE D 174 -18.00 13.11 31.80
N ILE D 175 -18.04 13.09 33.12
CA ILE D 175 -16.84 13.07 33.93
C ILE D 175 -16.55 11.63 34.34
N GLY D 176 -15.34 11.39 34.83
CA GLY D 176 -14.95 10.06 35.26
C GLY D 176 -13.96 9.41 34.32
N GLU D 177 -13.98 8.09 34.27
CA GLU D 177 -13.03 7.35 33.45
C GLU D 177 -13.37 7.51 31.97
N HIS D 178 -12.32 7.50 31.14
CA HIS D 178 -12.46 7.36 29.70
C HIS D 178 -12.66 5.88 29.37
N GLY D 179 -13.79 5.35 29.85
CA GLY D 179 -14.05 3.93 29.78
C GLY D 179 -15.41 3.56 30.34
N ASP D 180 -15.55 2.33 30.84
CA ASP D 180 -16.87 1.86 31.24
C ASP D 180 -17.37 2.56 32.49
N SER D 181 -16.47 2.94 33.39
CA SER D 181 -16.89 3.60 34.62
C SER D 181 -17.16 5.09 34.43
N MET D 182 -17.29 5.55 33.18
CA MET D 182 -17.63 6.95 32.93
C MET D 182 -19.02 7.26 33.48
N VAL D 183 -19.15 8.38 34.17
CA VAL D 183 -20.43 8.83 34.72
C VAL D 183 -20.89 10.02 33.89
N PRO D 184 -21.97 9.90 33.11
CA PRO D 184 -22.54 11.08 32.48
C PRO D 184 -23.25 11.95 33.50
N LEU D 185 -23.05 13.26 33.39
CA LEU D 185 -23.67 14.21 34.31
C LEU D 185 -24.93 14.76 33.65
N LEU D 186 -26.02 14.03 33.82
CA LEU D 186 -27.32 14.57 33.41
C LEU D 186 -27.66 15.80 34.24
N SER D 187 -27.12 15.89 35.46
CA SER D 187 -27.33 17.08 36.27
C SER D 187 -26.72 18.32 35.62
N ALA D 188 -25.66 18.15 34.85
CA ALA D 188 -24.96 19.25 34.20
C ALA D 188 -25.19 19.26 32.69
N THR D 189 -26.41 18.93 32.26
CA THR D 189 -26.79 18.94 30.86
C THR D 189 -27.74 20.12 30.63
N SER D 190 -27.32 21.06 29.78
CA SER D 190 -28.11 22.23 29.46
C SER D 190 -28.32 22.30 27.95
N ILE D 191 -29.41 22.95 27.55
CA ILE D 191 -29.76 23.17 26.15
C ILE D 191 -30.14 24.62 26.00
N GLY D 192 -29.17 25.46 25.63
CA GLY D 192 -29.40 26.88 25.68
C GLY D 192 -29.27 27.47 27.07
N GLY D 193 -28.43 26.87 27.92
CA GLY D 193 -28.37 27.23 29.32
C GLY D 193 -29.56 26.76 30.13
N ILE D 194 -30.53 26.14 29.47
CA ILE D 194 -31.76 25.69 30.14
C ILE D 194 -31.56 24.24 30.52
N PRO D 195 -31.54 23.90 31.82
CA PRO D 195 -31.36 22.49 32.20
C PRO D 195 -32.34 21.61 31.43
N ILE D 196 -31.84 20.46 31.00
CA ILE D 196 -32.68 19.57 30.20
C ILE D 196 -33.89 19.11 30.98
N GLN D 197 -33.82 19.13 32.31
CA GLN D 197 -34.96 18.74 33.15
C GLN D 197 -36.07 19.77 33.17
N ARG D 198 -35.88 20.91 32.50
CA ARG D 198 -36.91 21.94 32.37
C ARG D 198 -37.69 21.79 31.07
N PHE D 199 -37.45 20.73 30.31
CA PHE D 199 -38.13 20.46 29.07
C PHE D 199 -39.05 19.26 29.22
N GLU D 200 -40.12 19.24 28.43
CA GLU D 200 -41.04 18.11 28.44
C GLU D 200 -40.44 16.86 27.81
N ARG D 201 -39.26 16.98 27.19
CA ARG D 201 -38.64 15.86 26.49
C ARG D 201 -37.67 15.08 27.35
N PHE D 202 -37.23 15.64 28.49
CA PHE D 202 -36.32 14.88 29.34
C PHE D 202 -36.95 13.58 29.81
N LYS D 203 -38.26 13.56 30.00
CA LYS D 203 -38.95 12.31 30.33
C LYS D 203 -38.87 11.33 29.17
N GLU D 204 -38.94 11.83 27.93
CA GLU D 204 -38.91 11.00 26.74
C GLU D 204 -37.50 10.78 26.21
N LEU D 205 -36.49 11.24 26.94
CA LEU D 205 -35.10 11.06 26.52
C LEU D 205 -34.69 9.61 26.72
N PRO D 206 -34.27 8.89 25.68
CA PRO D 206 -33.75 7.52 25.90
C PRO D 206 -32.32 7.55 26.42
N ILE D 207 -32.17 7.97 27.69
CA ILE D 207 -30.82 8.18 28.21
C ILE D 207 -30.05 6.87 28.22
N ASP D 208 -30.73 5.76 28.50
CA ASP D 208 -30.04 4.46 28.53
C ASP D 208 -29.46 4.12 27.16
N GLU D 209 -30.25 4.26 26.10
CA GLU D 209 -29.74 3.98 24.77
C GLU D 209 -28.64 4.95 24.37
N ILE D 210 -28.81 6.23 24.68
CA ILE D 210 -27.81 7.22 24.30
C ILE D 210 -26.49 6.93 25.00
N ILE D 211 -26.54 6.61 26.28
CA ILE D 211 -25.31 6.32 27.02
C ILE D 211 -24.70 5.00 26.56
N GLU D 212 -25.54 4.04 26.15
CA GLU D 212 -25.00 2.81 25.58
C GLU D 212 -24.22 3.10 24.30
N ASP D 213 -24.80 3.93 23.42
CA ASP D 213 -24.12 4.27 22.17
C ASP D 213 -22.84 5.06 22.45
N VAL D 214 -22.88 5.96 23.44
CA VAL D 214 -21.69 6.73 23.78
C VAL D 214 -20.59 5.81 24.31
N LYS D 215 -20.96 4.81 25.11
CA LYS D 215 -19.95 3.95 25.72
C LYS D 215 -19.28 3.03 24.70
N GLY D 216 -20.00 2.66 23.65
CA GLY D 216 -19.45 1.89 22.55
C GLY D 216 -19.15 2.68 21.30
N TYR D 217 -19.21 4.01 21.37
CA TYR D 217 -18.99 4.84 20.19
C TYR D 217 -17.61 4.59 19.60
N GLY D 218 -16.57 4.65 20.43
CA GLY D 218 -15.22 4.55 19.92
C GLY D 218 -14.93 3.21 19.27
N LYS D 219 -15.35 2.12 19.93
CA LYS D 219 -15.08 0.79 19.38
C LYS D 219 -15.81 0.60 18.05
N GLN D 220 -17.02 1.16 17.94
CA GLN D 220 -17.73 1.10 16.67
C GLN D 220 -17.00 1.88 15.59
N ILE D 221 -16.40 3.02 15.95
CA ILE D 221 -15.61 3.76 14.97
C ILE D 221 -14.39 2.93 14.56
N ILE D 222 -13.80 2.20 15.51
CA ILE D 222 -12.66 1.35 15.15
C ILE D 222 -13.11 0.28 14.16
N ASP D 223 -14.29 -0.31 14.40
CA ASP D 223 -14.76 -1.40 13.53
C ASP D 223 -15.21 -0.90 12.16
N LEU D 224 -15.74 0.32 12.07
CA LEU D 224 -16.32 0.79 10.82
C LEU D 224 -15.34 1.61 9.96
N LYS D 225 -14.50 2.41 10.60
CA LYS D 225 -13.57 3.29 9.90
C LYS D 225 -12.12 2.95 10.19
N GLY D 226 -11.86 2.03 11.12
CA GLY D 226 -10.51 1.70 11.53
C GLY D 226 -9.94 2.61 12.60
N GLY D 227 -10.66 3.64 13.00
CA GLY D 227 -10.20 4.57 14.01
C GLY D 227 -10.79 5.95 13.77
N SER D 228 -10.75 6.77 14.82
CA SER D 228 -11.21 8.15 14.74
C SER D 228 -9.99 9.05 14.55
N GLU D 229 -10.11 10.00 13.62
CA GLU D 229 -9.04 10.97 13.41
C GLU D 229 -9.53 12.41 13.43
N PHE D 230 -10.73 12.68 12.91
CA PHE D 230 -11.18 14.06 12.77
C PHE D 230 -11.75 14.60 14.07
N GLY D 231 -12.57 13.81 14.76
CA GLY D 231 -13.14 14.23 16.02
C GLY D 231 -12.11 14.42 17.11
N PRO D 232 -11.23 13.43 17.29
CA PRO D 232 -10.14 13.60 18.26
C PRO D 232 -9.31 14.82 17.98
N ALA D 233 -8.97 15.04 16.71
CA ALA D 233 -8.16 16.20 16.34
C ALA D 233 -8.91 17.50 16.61
N ALA D 234 -10.21 17.53 16.34
CA ALA D 234 -10.97 18.75 16.60
C ALA D 234 -11.05 19.05 18.09
N ALA D 235 -11.20 18.02 18.94
CA ALA D 235 -11.21 18.24 20.38
C ALA D 235 -9.84 18.73 20.86
N ILE D 236 -8.77 18.14 20.34
CA ILE D 236 -7.43 18.59 20.69
C ILE D 236 -7.26 20.05 20.29
N LEU D 237 -7.75 20.42 19.11
CA LEU D 237 -7.65 21.81 18.66
C LEU D 237 -8.48 22.72 19.56
N ASN D 238 -9.63 22.26 20.01
CA ASN D 238 -10.44 23.08 20.91
C ASN D 238 -9.67 23.39 22.19
N VAL D 239 -9.01 22.38 22.77
CA VAL D 239 -8.27 22.62 24.00
C VAL D 239 -7.07 23.53 23.73
N VAL D 240 -6.34 23.28 22.64
CA VAL D 240 -5.19 24.13 22.33
C VAL D 240 -5.64 25.57 22.09
N ARG D 241 -6.82 25.74 21.49
CA ARG D 241 -7.37 27.06 21.27
C ARG D 241 -7.67 27.76 22.60
N CYS D 242 -8.32 27.05 23.52
CA CYS D 242 -8.59 27.63 24.82
C CYS D 242 -7.29 28.07 25.49
N ILE D 243 -6.22 27.29 25.31
CA ILE D 243 -4.95 27.63 25.95
C ILE D 243 -4.32 28.87 25.31
N VAL D 244 -4.31 28.93 23.98
CA VAL D 244 -3.53 29.97 23.31
C VAL D 244 -4.12 31.35 23.57
N ASN D 245 -5.45 31.48 23.61
CA ASN D 245 -6.10 32.76 23.80
C ASN D 245 -6.46 33.03 25.27
N ASN D 246 -6.00 32.19 26.19
CA ASN D 246 -6.34 32.32 27.61
C ASN D 246 -7.85 32.41 27.79
N GLU D 247 -8.57 31.55 27.08
CA GLU D 247 -10.03 31.45 27.24
C GLU D 247 -10.31 30.65 28.50
N LYS D 248 -10.68 31.33 29.58
CA LYS D 248 -10.96 30.63 30.84
C LYS D 248 -12.26 29.88 30.69
N ARG D 249 -12.19 28.64 30.22
CA ARG D 249 -13.36 27.88 29.80
C ARG D 249 -13.50 26.62 30.65
N LEU D 250 -14.76 26.27 30.94
CA LEU D 250 -15.06 25.15 31.83
C LEU D 250 -15.20 23.86 31.01
N LEU D 251 -14.06 23.23 30.74
CA LEU D 251 -14.02 22.02 29.94
C LEU D 251 -13.83 20.81 30.85
N THR D 252 -14.15 19.64 30.32
CA THR D 252 -14.04 18.39 31.06
C THR D 252 -12.83 17.63 30.52
N LEU D 253 -11.80 17.50 31.35
CA LEU D 253 -10.54 16.91 30.89
C LEU D 253 -9.91 16.08 32.00
N SER D 254 -8.95 15.23 31.61
CA SER D 254 -8.25 14.37 32.54
C SER D 254 -7.20 15.16 33.29
N ALA D 255 -7.32 15.21 34.62
CA ALA D 255 -6.41 15.99 35.43
C ALA D 255 -6.20 15.32 36.78
N TYR D 256 -5.09 15.70 37.44
CA TYR D 256 -4.81 15.25 38.79
C TYR D 256 -5.70 16.00 39.77
N VAL D 257 -6.33 15.25 40.67
CA VAL D 257 -7.26 15.83 41.64
C VAL D 257 -6.67 15.67 43.03
N ASP D 258 -6.68 16.76 43.81
CA ASP D 258 -6.10 16.78 45.14
C ASP D 258 -7.15 17.09 46.19
N GLY D 259 -8.30 16.42 46.09
CA GLY D 259 -9.36 16.62 47.05
C GLY D 259 -10.43 17.62 46.65
N GLU D 260 -10.57 17.89 45.36
CA GLU D 260 -11.59 18.83 44.89
C GLU D 260 -12.98 18.22 44.83
N PHE D 261 -13.11 16.91 45.07
CA PHE D 261 -14.40 16.26 45.22
C PHE D 261 -14.33 15.28 46.39
N ASP D 262 -15.50 14.99 46.95
CA ASP D 262 -15.58 14.19 48.18
C ASP D 262 -15.27 12.74 47.88
N GLY D 263 -14.14 12.24 48.39
CA GLY D 263 -13.79 10.85 48.29
C GLY D 263 -12.90 10.48 47.13
N ILE D 264 -12.44 11.45 46.35
CA ILE D 264 -11.59 11.19 45.19
C ILE D 264 -10.35 12.08 45.28
N ARG D 265 -9.18 11.47 45.16
CA ARG D 265 -7.92 12.20 45.27
C ARG D 265 -6.78 11.29 44.83
N GLY D 266 -5.65 11.91 44.54
CA GLY D 266 -4.44 11.17 44.20
C GLY D 266 -4.57 10.36 42.94
N VAL D 267 -5.10 10.98 41.89
CA VAL D 267 -5.34 10.28 40.64
C VAL D 267 -5.56 11.30 39.54
N CYS D 268 -5.20 10.91 38.31
CA CYS D 268 -5.52 11.67 37.10
C CYS D 268 -6.77 11.04 36.49
N ILE D 269 -7.90 11.75 36.59
CA ILE D 269 -9.17 11.28 36.04
C ILE D 269 -9.88 12.45 35.38
N GLY D 270 -10.88 12.13 34.57
CA GLY D 270 -11.68 13.15 33.92
C GLY D 270 -12.49 13.94 34.92
N VAL D 271 -12.32 15.26 34.93
CA VAL D 271 -13.01 16.13 35.88
C VAL D 271 -13.39 17.43 35.19
N PRO D 272 -14.35 18.16 35.77
CA PRO D 272 -14.60 19.54 35.31
C PRO D 272 -13.47 20.46 35.74
N VAL D 273 -12.95 21.23 34.79
CA VAL D 273 -11.72 21.98 34.99
C VAL D 273 -11.82 23.30 34.25
N LYS D 274 -11.14 24.31 34.79
CA LYS D 274 -11.05 25.62 34.14
C LYS D 274 -9.74 25.66 33.37
N ILE D 275 -9.83 25.65 32.06
CA ILE D 275 -8.65 25.71 31.21
C ILE D 275 -8.36 27.16 30.86
N GLY D 276 -7.08 27.50 30.79
CA GLY D 276 -6.63 28.82 30.47
C GLY D 276 -5.22 28.80 29.95
N LYS D 277 -4.56 29.96 30.03
CA LYS D 277 -3.21 30.08 29.47
C LYS D 277 -2.21 29.19 30.20
N ASP D 278 -2.47 28.88 31.48
CA ASP D 278 -1.56 28.10 32.30
C ASP D 278 -1.97 26.63 32.37
N GLY D 279 -2.46 26.09 31.26
CA GLY D 279 -2.96 24.73 31.29
C GLY D 279 -4.22 24.65 32.14
N ILE D 280 -4.32 23.59 32.94
CA ILE D 280 -5.45 23.45 33.85
C ILE D 280 -5.19 24.37 35.04
N GLU D 281 -5.89 25.51 35.07
CA GLU D 281 -5.69 26.49 36.11
C GLU D 281 -6.47 26.18 37.37
N GLU D 282 -7.45 25.29 37.31
CA GLU D 282 -8.33 25.05 38.45
C GLU D 282 -9.12 23.78 38.20
N VAL D 283 -9.34 23.00 39.26
CA VAL D 283 -10.22 21.84 39.23
C VAL D 283 -11.55 22.31 39.82
N VAL D 284 -12.53 22.58 38.95
CA VAL D 284 -13.78 23.16 39.40
C VAL D 284 -14.52 22.15 40.25
N SER D 285 -15.05 22.62 41.38
CA SER D 285 -15.83 21.80 42.30
C SER D 285 -17.31 22.06 42.05
N ILE D 286 -18.05 21.01 41.71
CA ILE D 286 -19.46 21.11 41.34
C ILE D 286 -20.26 20.14 42.19
N GLU D 287 -21.56 20.42 42.29
CA GLU D 287 -22.50 19.54 42.98
C GLU D 287 -23.01 18.49 42.00
N LEU D 288 -22.86 17.21 42.37
CA LEU D 288 -23.37 16.10 41.59
C LEU D 288 -24.49 15.41 42.36
N ASN D 289 -25.46 14.87 41.63
CA ASN D 289 -26.48 14.04 42.25
C ASN D 289 -25.82 12.86 42.96
N LYS D 290 -26.57 12.24 43.87
CA LYS D 290 -26.01 11.13 44.65
C LYS D 290 -25.46 10.04 43.73
N ASP D 291 -26.23 9.65 42.72
CA ASP D 291 -25.79 8.62 41.80
C ASP D 291 -24.50 9.02 41.09
N GLU D 292 -24.44 10.27 40.62
CA GLU D 292 -23.27 10.71 39.87
C GLU D 292 -22.01 10.64 40.72
N ILE D 293 -22.09 11.08 41.97
CA ILE D 293 -20.90 11.09 42.82
C ILE D 293 -20.50 9.67 43.22
N ILE D 294 -21.47 8.79 43.52
CA ILE D 294 -21.09 7.42 43.85
C ILE D 294 -20.39 6.76 42.66
N GLY D 295 -20.95 6.95 41.45
CA GLY D 295 -20.32 6.37 40.28
C GLY D 295 -18.94 6.94 40.03
N PHE D 296 -18.78 8.25 40.24
CA PHE D 296 -17.48 8.87 40.05
C PHE D 296 -16.47 8.34 41.06
N ARG D 297 -16.91 8.06 42.29
CA ARG D 297 -16.02 7.44 43.26
C ARG D 297 -15.58 6.05 42.80
N LYS D 298 -16.52 5.25 42.31
CA LYS D 298 -16.14 3.93 41.79
C LYS D 298 -15.14 4.06 40.65
N SER D 299 -15.39 5.00 39.74
CA SER D 299 -14.49 5.21 38.62
C SER D 299 -13.11 5.65 39.09
N ALA D 300 -13.07 6.54 40.09
CA ALA D 300 -11.80 6.99 40.63
C ALA D 300 -11.02 5.80 41.20
N GLU D 301 -11.70 4.91 41.92
CA GLU D 301 -10.99 3.78 42.51
C GLU D 301 -10.48 2.82 41.43
N ILE D 302 -11.24 2.60 40.36
CA ILE D 302 -10.73 1.77 39.27
C ILE D 302 -9.50 2.40 38.64
N ILE D 303 -9.61 3.69 38.28
CA ILE D 303 -8.50 4.39 37.65
C ILE D 303 -7.26 4.33 38.54
N LYS D 304 -7.45 4.49 39.86
CA LYS D 304 -6.33 4.41 40.79
C LYS D 304 -5.80 2.99 40.91
N GLY D 305 -6.68 1.99 40.71
CA GLY D 305 -6.21 0.62 40.68
C GLY D 305 -5.21 0.39 39.57
N TYR D 306 -5.47 0.97 38.39
CA TYR D 306 -4.48 0.83 37.32
C TYR D 306 -3.25 1.71 37.58
N CYS D 307 -3.45 2.90 38.14
CA CYS D 307 -2.34 3.82 38.38
C CYS D 307 -1.33 3.25 39.36
#